data_1CFL
# 
_entry.id   1CFL 
# 
_audit_conform.dict_name       mmcif_pdbx.dic 
_audit_conform.dict_version    5.383 
_audit_conform.dict_location   http://mmcif.pdb.org/dictionaries/ascii/mmcif_pdbx.dic 
# 
loop_
_database_2.database_id 
_database_2.database_code 
_database_2.pdbx_database_accession 
_database_2.pdbx_DOI 
PDB   1CFL         pdb_00001cfl 10.2210/pdb1cfl/pdb 
RCSB  RCSB000685   ?            ?                   
WWPDB D_1000000685 ?            ?                   
# 
loop_
_pdbx_audit_revision_history.ordinal 
_pdbx_audit_revision_history.data_content_type 
_pdbx_audit_revision_history.major_revision 
_pdbx_audit_revision_history.minor_revision 
_pdbx_audit_revision_history.revision_date 
1 'Structure model' 1 0 1999-05-28 
2 'Structure model' 1 1 2008-04-26 
3 'Structure model' 1 2 2011-07-13 
4 'Structure model' 1 3 2022-02-16 
5 'Structure model' 1 4 2023-12-27 
# 
_pdbx_audit_revision_details.ordinal             1 
_pdbx_audit_revision_details.revision_ordinal    1 
_pdbx_audit_revision_details.data_content_type   'Structure model' 
_pdbx_audit_revision_details.provider            repository 
_pdbx_audit_revision_details.type                'Initial release' 
_pdbx_audit_revision_details.description         ? 
_pdbx_audit_revision_details.details             ? 
# 
loop_
_pdbx_audit_revision_group.ordinal 
_pdbx_audit_revision_group.revision_ordinal 
_pdbx_audit_revision_group.data_content_type 
_pdbx_audit_revision_group.group 
1 2 'Structure model' 'Version format compliance' 
2 3 'Structure model' 'Version format compliance' 
3 4 'Structure model' 'Database references'       
4 4 'Structure model' 'Derived calculations'      
5 5 'Structure model' 'Data collection'           
# 
loop_
_pdbx_audit_revision_category.ordinal 
_pdbx_audit_revision_category.revision_ordinal 
_pdbx_audit_revision_category.data_content_type 
_pdbx_audit_revision_category.category 
1 4 'Structure model' database_2            
2 4 'Structure model' pdbx_struct_assembly  
3 4 'Structure model' pdbx_struct_oper_list 
4 4 'Structure model' struct_conn           
5 5 'Structure model' chem_comp_atom        
6 5 'Structure model' chem_comp_bond        
# 
loop_
_pdbx_audit_revision_item.ordinal 
_pdbx_audit_revision_item.revision_ordinal 
_pdbx_audit_revision_item.data_content_type 
_pdbx_audit_revision_item.item 
1  4 'Structure model' '_database_2.pdbx_DOI'                
2  4 'Structure model' '_database_2.pdbx_database_accession' 
3  4 'Structure model' '_struct_conn.pdbx_dist_value'        
4  4 'Structure model' '_struct_conn.pdbx_leaving_atom_flag' 
5  4 'Structure model' '_struct_conn.ptnr1_auth_comp_id'     
6  4 'Structure model' '_struct_conn.ptnr1_auth_seq_id'      
7  4 'Structure model' '_struct_conn.ptnr1_label_atom_id'    
8  4 'Structure model' '_struct_conn.ptnr1_label_comp_id'    
9  4 'Structure model' '_struct_conn.ptnr1_label_seq_id'     
10 4 'Structure model' '_struct_conn.ptnr2_auth_comp_id'     
11 4 'Structure model' '_struct_conn.ptnr2_auth_seq_id'      
12 4 'Structure model' '_struct_conn.ptnr2_label_atom_id'    
13 4 'Structure model' '_struct_conn.ptnr2_label_comp_id'    
14 4 'Structure model' '_struct_conn.ptnr2_label_seq_id'     
# 
_pdbx_database_status.status_code                     REL 
_pdbx_database_status.entry_id                        1CFL 
_pdbx_database_status.recvd_initial_deposition_date   1999-03-19 
_pdbx_database_status.deposit_site                    BNL 
_pdbx_database_status.process_site                    RCSB 
_pdbx_database_status.status_code_mr                  REL 
_pdbx_database_status.SG_entry                        . 
_pdbx_database_status.pdb_format_compatible           Y 
_pdbx_database_status.status_code_sf                  ? 
_pdbx_database_status.status_code_cs                  ? 
_pdbx_database_status.status_code_nmr_data            ? 
_pdbx_database_status.methods_development_category    ? 
# 
loop_
_audit_author.name 
_audit_author.pdbx_ordinal 
'Lee, J.-H.'   1 
'Hwang, G.-S.' 2 
'Choi, B.-S.'  3 
# 
_citation.id                        primary 
_citation.title                     
;Solution structure of a DNA decamer duplex containing the stable 3' T.G base pair of the pyrimidine(6-4)pyrimidone photoproduct [(6-4) adduct]: implications for the highly specific 3' T --> C transition of the (6-4) adduct.
;
_citation.journal_abbrev            Proc.Natl.Acad.Sci.USA 
_citation.journal_volume            96 
_citation.page_first                6632 
_citation.page_last                 6636 
_citation.year                      1999 
_citation.journal_id_ASTM           PNASA6 
_citation.country                   US 
_citation.journal_id_ISSN           0027-8424 
_citation.journal_id_CSD            0040 
_citation.book_publisher            ? 
_citation.pdbx_database_id_PubMed   10359763 
_citation.pdbx_database_id_DOI      10.1073/pnas.96.12.6632 
# 
loop_
_citation_author.citation_id 
_citation_author.name 
_citation_author.ordinal 
_citation_author.identifier_ORCID 
primary 'Lee, J.H.'   1 ? 
primary 'Hwang, G.S.' 2 ? 
primary 'Choi, B.S.'  3 ? 
# 
loop_
_entity.id 
_entity.type 
_entity.src_method 
_entity.pdbx_description 
_entity.formula_weight 
_entity.pdbx_number_of_molecules 
_entity.pdbx_ec 
_entity.pdbx_mutation 
_entity.pdbx_fragment 
_entity.details 
1 polymer syn 
;DNA (5'-D(*CP*GP*CP*AP*(64T)P*TP*AP*CP*GP*C)-3')
;
3022.997 1 ? ? ? 'BOND FORMED BETWEEN C6(T5) AND C4(T6)' 
2 polymer syn 
;DNA (5'-D(*GP*CP*GP*TP*GP*AP*TP*GP*CP*G)-3')
;
3101.028 1 ? ? ? ?                                       
# 
loop_
_entity_poly.entity_id 
_entity_poly.type 
_entity_poly.nstd_linkage 
_entity_poly.nstd_monomer 
_entity_poly.pdbx_seq_one_letter_code 
_entity_poly.pdbx_seq_one_letter_code_can 
_entity_poly.pdbx_strand_id 
_entity_poly.pdbx_target_identifier 
1 polydeoxyribonucleotide no yes '(DC)(DG)(DC)(DA)(64T)(DT)(DA)(DC)(DG)(DC)' CGCATTACGC A ? 
2 polydeoxyribonucleotide no no  '(DG)(DC)(DG)(DT)(DG)(DA)(DT)(DG)(DC)(DG)'  GCGTGATGCG B ? 
# 
loop_
_entity_poly_seq.entity_id 
_entity_poly_seq.num 
_entity_poly_seq.mon_id 
_entity_poly_seq.hetero 
1 1  DC  n 
1 2  DG  n 
1 3  DC  n 
1 4  DA  n 
1 5  64T n 
1 6  DT  n 
1 7  DA  n 
1 8  DC  n 
1 9  DG  n 
1 10 DC  n 
2 1  DG  n 
2 2  DC  n 
2 3  DG  n 
2 4  DT  n 
2 5  DG  n 
2 6  DA  n 
2 7  DT  n 
2 8  DG  n 
2 9  DC  n 
2 10 DG  n 
# 
loop_
_chem_comp.id 
_chem_comp.type 
_chem_comp.mon_nstd_flag 
_chem_comp.name 
_chem_comp.pdbx_synonyms 
_chem_comp.formula 
_chem_comp.formula_weight 
64T 'DNA linking' n "5-HYDROXY-THYMIDINE-5'-MONOPHOSPHATE" ? 'C10 H17 N2 O9 P' 340.224 
DA  'DNA linking' y "2'-DEOXYADENOSINE-5'-MONOPHOSPHATE"   ? 'C10 H14 N5 O6 P' 331.222 
DC  'DNA linking' y "2'-DEOXYCYTIDINE-5'-MONOPHOSPHATE"    ? 'C9 H14 N3 O7 P'  307.197 
DG  'DNA linking' y "2'-DEOXYGUANOSINE-5'-MONOPHOSPHATE"   ? 'C10 H14 N5 O7 P' 347.221 
DT  'DNA linking' y "THYMIDINE-5'-MONOPHOSPHATE"           ? 'C10 H15 N2 O8 P' 322.208 
# 
loop_
_pdbx_poly_seq_scheme.asym_id 
_pdbx_poly_seq_scheme.entity_id 
_pdbx_poly_seq_scheme.seq_id 
_pdbx_poly_seq_scheme.mon_id 
_pdbx_poly_seq_scheme.ndb_seq_num 
_pdbx_poly_seq_scheme.pdb_seq_num 
_pdbx_poly_seq_scheme.auth_seq_num 
_pdbx_poly_seq_scheme.pdb_mon_id 
_pdbx_poly_seq_scheme.auth_mon_id 
_pdbx_poly_seq_scheme.pdb_strand_id 
_pdbx_poly_seq_scheme.pdb_ins_code 
_pdbx_poly_seq_scheme.hetero 
A 1 1  DC  1  1  1  DC  C  A . n 
A 1 2  DG  2  2  2  DG  G  A . n 
A 1 3  DC  3  3  3  DC  C  A . n 
A 1 4  DA  4  4  4  DA  A  A . n 
A 1 5  64T 5  5  5  64T +T A . n 
A 1 6  DT  6  6  6  DT  +T A . n 
A 1 7  DA  7  7  7  DA  A  A . n 
A 1 8  DC  8  8  8  DC  C  A . n 
A 1 9  DG  9  9  9  DG  G  A . n 
A 1 10 DC  10 10 10 DC  C  A . n 
B 2 1  DG  1  11 11 DG  G  B . n 
B 2 2  DC  2  12 12 DC  C  B . n 
B 2 3  DG  3  13 13 DG  G  B . n 
B 2 4  DT  4  14 14 DT  T  B . n 
B 2 5  DG  5  15 15 DG  G  B . n 
B 2 6  DA  6  16 16 DA  A  B . n 
B 2 7  DT  7  17 17 DT  T  B . n 
B 2 8  DG  8  18 18 DG  G  B . n 
B 2 9  DC  9  19 19 DC  C  B . n 
B 2 10 DG  10 20 20 DG  G  B . n 
# 
_cell.entry_id           1CFL 
_cell.length_a           1.000 
_cell.length_b           1.000 
_cell.length_c           1.000 
_cell.angle_alpha        90.00 
_cell.angle_beta         90.00 
_cell.angle_gamma        90.00 
_cell.Z_PDB              1 
_cell.pdbx_unique_axis   ? 
# 
_symmetry.entry_id                         1CFL 
_symmetry.space_group_name_H-M             'P 1' 
_symmetry.pdbx_full_space_group_name_H-M   ? 
_symmetry.cell_setting                     ? 
_symmetry.Int_Tables_number                1 
# 
_exptl.entry_id          1CFL 
_exptl.method            'SOLUTION NMR' 
_exptl.crystals_number   ? 
# 
_struct.entry_id                  1CFL 
_struct.title                     'DNA DECAMER DUPLEX CONTAINING T5-T6 PHOTOADDUCT' 
_struct.pdbx_model_details        ? 
_struct.pdbx_CASP_flag            ? 
_struct.pdbx_model_type_details   ? 
# 
_struct_keywords.entry_id        1CFL 
_struct_keywords.pdbx_keywords   DNA 
_struct_keywords.text            'DNA PHOTOPRODUCT, (6-4) ADDUCT, MUTAGENESIS, DEOXYRIBONUCLEIC ACID, DNA' 
# 
loop_
_struct_asym.id 
_struct_asym.pdbx_blank_PDB_chainid_flag 
_struct_asym.pdbx_modified 
_struct_asym.entity_id 
_struct_asym.details 
A N N 1 ? 
B N N 2 ? 
# 
loop_
_struct_ref.id 
_struct_ref.entity_id 
_struct_ref.db_name 
_struct_ref.db_code 
_struct_ref.pdbx_db_accession 
_struct_ref.pdbx_db_isoform 
_struct_ref.pdbx_seq_one_letter_code 
_struct_ref.pdbx_align_begin 
1 1 PDB 1CFL 1CFL ? ? ? 
2 2 PDB 1CFL 1CFL ? ? ? 
# 
loop_
_struct_ref_seq.align_id 
_struct_ref_seq.ref_id 
_struct_ref_seq.pdbx_PDB_id_code 
_struct_ref_seq.pdbx_strand_id 
_struct_ref_seq.seq_align_beg 
_struct_ref_seq.pdbx_seq_align_beg_ins_code 
_struct_ref_seq.seq_align_end 
_struct_ref_seq.pdbx_seq_align_end_ins_code 
_struct_ref_seq.pdbx_db_accession 
_struct_ref_seq.db_align_beg 
_struct_ref_seq.pdbx_db_align_beg_ins_code 
_struct_ref_seq.db_align_end 
_struct_ref_seq.pdbx_db_align_end_ins_code 
_struct_ref_seq.pdbx_auth_seq_align_beg 
_struct_ref_seq.pdbx_auth_seq_align_end 
1 1 1CFL A 1 ? 10 ? 1CFL 1  ? 10 ? 1  10 
2 2 1CFL B 1 ? 10 ? 1CFL 11 ? 20 ? 11 20 
# 
_pdbx_struct_assembly.id                   1 
_pdbx_struct_assembly.details              author_defined_assembly 
_pdbx_struct_assembly.method_details       ? 
_pdbx_struct_assembly.oligomeric_details   dimeric 
_pdbx_struct_assembly.oligomeric_count     2 
# 
_pdbx_struct_assembly_gen.assembly_id       1 
_pdbx_struct_assembly_gen.oper_expression   1 
_pdbx_struct_assembly_gen.asym_id_list      A,B 
# 
_pdbx_struct_oper_list.id                   1 
_pdbx_struct_oper_list.type                 'identity operation' 
_pdbx_struct_oper_list.name                 1_555 
_pdbx_struct_oper_list.symmetry_operation   x,y,z 
_pdbx_struct_oper_list.matrix[1][1]         1.0000000000 
_pdbx_struct_oper_list.matrix[1][2]         0.0000000000 
_pdbx_struct_oper_list.matrix[1][3]         0.0000000000 
_pdbx_struct_oper_list.vector[1]            0.0000000000 
_pdbx_struct_oper_list.matrix[2][1]         0.0000000000 
_pdbx_struct_oper_list.matrix[2][2]         1.0000000000 
_pdbx_struct_oper_list.matrix[2][3]         0.0000000000 
_pdbx_struct_oper_list.vector[2]            0.0000000000 
_pdbx_struct_oper_list.matrix[3][1]         0.0000000000 
_pdbx_struct_oper_list.matrix[3][2]         0.0000000000 
_pdbx_struct_oper_list.matrix[3][3]         1.0000000000 
_pdbx_struct_oper_list.vector[3]            0.0000000000 
# 
_struct_biol.id   1 
# 
loop_
_struct_conn.id 
_struct_conn.conn_type_id 
_struct_conn.pdbx_leaving_atom_flag 
_struct_conn.pdbx_PDB_id 
_struct_conn.ptnr1_label_asym_id 
_struct_conn.ptnr1_label_comp_id 
_struct_conn.ptnr1_label_seq_id 
_struct_conn.ptnr1_label_atom_id 
_struct_conn.pdbx_ptnr1_label_alt_id 
_struct_conn.pdbx_ptnr1_PDB_ins_code 
_struct_conn.pdbx_ptnr1_standard_comp_id 
_struct_conn.ptnr1_symmetry 
_struct_conn.ptnr2_label_asym_id 
_struct_conn.ptnr2_label_comp_id 
_struct_conn.ptnr2_label_seq_id 
_struct_conn.ptnr2_label_atom_id 
_struct_conn.pdbx_ptnr2_label_alt_id 
_struct_conn.pdbx_ptnr2_PDB_ins_code 
_struct_conn.ptnr1_auth_asym_id 
_struct_conn.ptnr1_auth_comp_id 
_struct_conn.ptnr1_auth_seq_id 
_struct_conn.ptnr2_auth_asym_id 
_struct_conn.ptnr2_auth_comp_id 
_struct_conn.ptnr2_auth_seq_id 
_struct_conn.ptnr2_symmetry 
_struct_conn.pdbx_ptnr3_label_atom_id 
_struct_conn.pdbx_ptnr3_label_seq_id 
_struct_conn.pdbx_ptnr3_label_comp_id 
_struct_conn.pdbx_ptnr3_label_asym_id 
_struct_conn.pdbx_ptnr3_label_alt_id 
_struct_conn.pdbx_ptnr3_PDB_ins_code 
_struct_conn.details 
_struct_conn.pdbx_dist_value 
_struct_conn.pdbx_value_order 
_struct_conn.pdbx_role 
covale1  covale both ? A DA  4  "O3'" ? ? ? 1_555 A 64T 5  P  ? ? A DA  4  A 64T 5  1_555 ? ? ? ? ? ? ?            1.614 ? ? 
covale2  covale none ? A 64T 5  C6    ? ? ? 1_555 A DT  6  C4 ? ? A 64T 5  A DT  6  1_555 ? ? ? ? ? ? ?            1.593 ? ? 
covale3  covale both ? A 64T 5  "O3'" ? ? ? 1_555 A DT  6  P  ? ? A 64T 5  A DT  6  1_555 ? ? ? ? ? ? ?            1.642 ? ? 
hydrog1  hydrog ?    ? A DC  1  N3    ? ? ? 1_555 B DG  10 N1 ? ? A DC  1  B DG  20 1_555 ? ? ? ? ? ? WATSON-CRICK ?     ? ? 
hydrog2  hydrog ?    ? A DC  1  N4    ? ? ? 1_555 B DG  10 O6 ? ? A DC  1  B DG  20 1_555 ? ? ? ? ? ? WATSON-CRICK ?     ? ? 
hydrog3  hydrog ?    ? A DC  1  O2    ? ? ? 1_555 B DG  10 N2 ? ? A DC  1  B DG  20 1_555 ? ? ? ? ? ? WATSON-CRICK ?     ? ? 
hydrog4  hydrog ?    ? A DG  2  N1    ? ? ? 1_555 B DC  9  N3 ? ? A DG  2  B DC  19 1_555 ? ? ? ? ? ? WATSON-CRICK ?     ? ? 
hydrog5  hydrog ?    ? A DG  2  N2    ? ? ? 1_555 B DC  9  O2 ? ? A DG  2  B DC  19 1_555 ? ? ? ? ? ? WATSON-CRICK ?     ? ? 
hydrog6  hydrog ?    ? A DG  2  O6    ? ? ? 1_555 B DC  9  N4 ? ? A DG  2  B DC  19 1_555 ? ? ? ? ? ? WATSON-CRICK ?     ? ? 
hydrog7  hydrog ?    ? A DC  3  N3    ? ? ? 1_555 B DG  8  N1 ? ? A DC  3  B DG  18 1_555 ? ? ? ? ? ? WATSON-CRICK ?     ? ? 
hydrog8  hydrog ?    ? A DC  3  N4    ? ? ? 1_555 B DG  8  O6 ? ? A DC  3  B DG  18 1_555 ? ? ? ? ? ? WATSON-CRICK ?     ? ? 
hydrog9  hydrog ?    ? A DC  3  O2    ? ? ? 1_555 B DG  8  N2 ? ? A DC  3  B DG  18 1_555 ? ? ? ? ? ? WATSON-CRICK ?     ? ? 
hydrog10 hydrog ?    ? A DA  4  N1    ? ? ? 1_555 B DT  7  N3 ? ? A DA  4  B DT  17 1_555 ? ? ? ? ? ? WATSON-CRICK ?     ? ? 
hydrog11 hydrog ?    ? A DA  4  N6    ? ? ? 1_555 B DT  7  O4 ? ? A DA  4  B DT  17 1_555 ? ? ? ? ? ? WATSON-CRICK ?     ? ? 
hydrog12 hydrog ?    ? A 64T 5  N3    ? ? ? 1_555 B DA  6  N1 ? ? A 64T 5  B DA  16 1_555 ? ? ? ? ? ? WATSON-CRICK ?     ? ? 
hydrog13 hydrog ?    ? A 64T 5  O4    ? ? ? 1_555 B DA  6  N6 ? ? A 64T 5  B DA  16 1_555 ? ? ? ? ? ? WATSON-CRICK ?     ? ? 
hydrog14 hydrog ?    ? A DA  7  N1    ? ? ? 1_555 B DT  4  N3 ? ? A DA  7  B DT  14 1_555 ? ? ? ? ? ? WATSON-CRICK ?     ? ? 
hydrog15 hydrog ?    ? A DA  7  N6    ? ? ? 1_555 B DT  4  O4 ? ? A DA  7  B DT  14 1_555 ? ? ? ? ? ? WATSON-CRICK ?     ? ? 
hydrog16 hydrog ?    ? A DC  8  N3    ? ? ? 1_555 B DG  3  N1 ? ? A DC  8  B DG  13 1_555 ? ? ? ? ? ? WATSON-CRICK ?     ? ? 
hydrog17 hydrog ?    ? A DC  8  N4    ? ? ? 1_555 B DG  3  O6 ? ? A DC  8  B DG  13 1_555 ? ? ? ? ? ? WATSON-CRICK ?     ? ? 
hydrog18 hydrog ?    ? A DC  8  O2    ? ? ? 1_555 B DG  3  N2 ? ? A DC  8  B DG  13 1_555 ? ? ? ? ? ? WATSON-CRICK ?     ? ? 
hydrog19 hydrog ?    ? A DG  9  N1    ? ? ? 1_555 B DC  2  N3 ? ? A DG  9  B DC  12 1_555 ? ? ? ? ? ? WATSON-CRICK ?     ? ? 
hydrog20 hydrog ?    ? A DG  9  N2    ? ? ? 1_555 B DC  2  O2 ? ? A DG  9  B DC  12 1_555 ? ? ? ? ? ? WATSON-CRICK ?     ? ? 
hydrog21 hydrog ?    ? A DG  9  O6    ? ? ? 1_555 B DC  2  N4 ? ? A DG  9  B DC  12 1_555 ? ? ? ? ? ? WATSON-CRICK ?     ? ? 
hydrog22 hydrog ?    ? A DC  10 N3    ? ? ? 1_555 B DG  1  N1 ? ? A DC  10 B DG  11 1_555 ? ? ? ? ? ? WATSON-CRICK ?     ? ? 
hydrog23 hydrog ?    ? A DC  10 N4    ? ? ? 1_555 B DG  1  O6 ? ? A DC  10 B DG  11 1_555 ? ? ? ? ? ? WATSON-CRICK ?     ? ? 
hydrog24 hydrog ?    ? A DC  10 O2    ? ? ? 1_555 B DG  1  N2 ? ? A DC  10 B DG  11 1_555 ? ? ? ? ? ? WATSON-CRICK ?     ? ? 
# 
loop_
_struct_conn_type.id 
_struct_conn_type.criteria 
_struct_conn_type.reference 
covale ? ? 
hydrog ? ? 
# 
loop_
_pdbx_validate_rmsd_bond.id 
_pdbx_validate_rmsd_bond.PDB_model_num 
_pdbx_validate_rmsd_bond.auth_atom_id_1 
_pdbx_validate_rmsd_bond.auth_asym_id_1 
_pdbx_validate_rmsd_bond.auth_comp_id_1 
_pdbx_validate_rmsd_bond.auth_seq_id_1 
_pdbx_validate_rmsd_bond.PDB_ins_code_1 
_pdbx_validate_rmsd_bond.label_alt_id_1 
_pdbx_validate_rmsd_bond.auth_atom_id_2 
_pdbx_validate_rmsd_bond.auth_asym_id_2 
_pdbx_validate_rmsd_bond.auth_comp_id_2 
_pdbx_validate_rmsd_bond.auth_seq_id_2 
_pdbx_validate_rmsd_bond.PDB_ins_code_2 
_pdbx_validate_rmsd_bond.label_alt_id_2 
_pdbx_validate_rmsd_bond.bond_value 
_pdbx_validate_rmsd_bond.bond_target_value 
_pdbx_validate_rmsd_bond.bond_deviation 
_pdbx_validate_rmsd_bond.bond_standard_deviation 
_pdbx_validate_rmsd_bond.linker_flag 
1  1 N1    A DC 1  ? ? C6    A DC 1  ? ? 1.325 1.367 -0.042 0.006 N 
2  1 C8    A DG 2  ? ? N9    A DG 2  ? ? 1.324 1.374 -0.050 0.007 N 
3  1 "C5'" A DT 6  ? ? "C4'" A DT 6  ? ? 1.578 1.512 0.066  0.007 N 
4  1 N1    A DT 6  ? ? C2    A DT 6  ? ? 1.446 1.376 0.070  0.008 N 
5  1 C4    A DT 6  ? ? C5    A DT 6  ? ? 1.366 1.445 -0.079 0.009 N 
6  1 C8    A DA 7  ? ? N9    A DA 7  ? ? 1.317 1.373 -0.056 0.008 N 
7  1 "C3'" A DC 8  ? ? "C2'" A DC 8  ? ? 1.466 1.516 -0.050 0.008 N 
8  1 C8    A DG 9  ? ? N9    A DG 9  ? ? 1.313 1.374 -0.061 0.007 N 
9  1 C6    B DT 14 ? ? N1    B DT 14 ? ? 1.317 1.378 -0.061 0.007 N 
10 1 C8    B DA 16 ? ? N9    B DA 16 ? ? 1.313 1.373 -0.060 0.008 N 
11 1 "C2'" B DT 17 ? ? "C1'" B DT 17 ? ? 1.603 1.519 0.084  0.010 N 
12 1 N3    B DT 17 ? ? C4    B DT 17 ? ? 1.434 1.382 0.052  0.008 N 
13 1 C5    B DT 17 ? ? C6    B DT 17 ? ? 1.292 1.339 -0.047 0.007 N 
14 1 C6    B DT 17 ? ? N1    B DT 17 ? ? 1.294 1.378 -0.084 0.007 N 
15 1 C8    B DG 20 ? ? N9    B DG 20 ? ? 1.324 1.374 -0.050 0.007 N 
# 
loop_
_pdbx_validate_rmsd_angle.id 
_pdbx_validate_rmsd_angle.PDB_model_num 
_pdbx_validate_rmsd_angle.auth_atom_id_1 
_pdbx_validate_rmsd_angle.auth_asym_id_1 
_pdbx_validate_rmsd_angle.auth_comp_id_1 
_pdbx_validate_rmsd_angle.auth_seq_id_1 
_pdbx_validate_rmsd_angle.PDB_ins_code_1 
_pdbx_validate_rmsd_angle.label_alt_id_1 
_pdbx_validate_rmsd_angle.auth_atom_id_2 
_pdbx_validate_rmsd_angle.auth_asym_id_2 
_pdbx_validate_rmsd_angle.auth_comp_id_2 
_pdbx_validate_rmsd_angle.auth_seq_id_2 
_pdbx_validate_rmsd_angle.PDB_ins_code_2 
_pdbx_validate_rmsd_angle.label_alt_id_2 
_pdbx_validate_rmsd_angle.auth_atom_id_3 
_pdbx_validate_rmsd_angle.auth_asym_id_3 
_pdbx_validate_rmsd_angle.auth_comp_id_3 
_pdbx_validate_rmsd_angle.auth_seq_id_3 
_pdbx_validate_rmsd_angle.PDB_ins_code_3 
_pdbx_validate_rmsd_angle.label_alt_id_3 
_pdbx_validate_rmsd_angle.angle_value 
_pdbx_validate_rmsd_angle.angle_target_value 
_pdbx_validate_rmsd_angle.angle_deviation 
_pdbx_validate_rmsd_angle.angle_standard_deviation 
_pdbx_validate_rmsd_angle.linker_flag 
1  1 "O4'" A DC  1  ? ? "C1'" A DC  1  ? ? N1    A DC  1  ? ? 113.38 108.30 5.08   0.30 N 
2  1 C2    A DC  1  ? ? N1    A DC  1  ? ? "C1'" A DC  1  ? ? 125.40 118.80 6.60   1.10 N 
3  1 "C3'" A DG  2  ? ? "O3'" A DG  2  ? ? P     A DC  3  ? ? 131.87 119.70 12.17  1.20 Y 
4  1 "O4'" A DC  3  ? ? "C1'" A DC  3  ? ? N1    A DC  3  ? ? 111.67 108.30 3.37   0.30 N 
5  1 "C3'" A DC  3  ? ? "O3'" A DC  3  ? ? P     A DA  4  ? ? 128.97 119.70 9.27   1.20 Y 
6  1 "C3'" A DA  4  ? ? "O3'" A DA  4  ? ? P     A 64T 5  ? ? 136.86 119.70 17.16  1.20 Y 
7  1 "C3'" A 64T 5  ? ? "O3'" A 64T 5  ? ? P     A DT  6  ? ? 130.08 119.70 10.38  1.20 Y 
8  1 P     A DT  6  ? ? "O5'" A DT  6  ? ? "C5'" A DT  6  ? ? 131.05 120.90 10.15  1.60 N 
9  1 "O4'" A DT  6  ? ? "C1'" A DT  6  ? ? N1    A DT  6  ? ? 103.08 108.00 -4.92  0.70 N 
10 1 C6    A DT  6  ? ? N1    A DT  6  ? ? C2    A DT  6  ? ? 117.78 121.30 -3.52  0.50 N 
11 1 C2    A DT  6  ? ? N3    A DT  6  ? ? C4    A DT  6  ? ? 119.86 127.20 -7.34  0.60 N 
12 1 N3    A DT  6  ? ? C4    A DT  6  ? ? C5    A DT  6  ? ? 123.59 115.20 8.39   0.60 N 
13 1 N3    A DT  6  ? ? C2    A DT  6  ? ? O2    A DT  6  ? ? 118.63 122.30 -3.67  0.60 N 
14 1 C4    A DT  6  ? ? C5    A DT  6  ? ? C7    A DT  6  ? ? 135.91 119.00 16.91  0.60 N 
15 1 C6    A DT  6  ? ? C5    A DT  6  ? ? C7    A DT  6  ? ? 107.80 122.90 -15.10 0.60 N 
16 1 "C3'" A DT  6  ? ? "O3'" A DT  6  ? ? P     A DA  7  ? ? 132.73 119.70 13.03  1.20 Y 
17 1 "C3'" A DA  7  ? ? "O3'" A DA  7  ? ? P     A DC  8  ? ? 131.06 119.70 11.36  1.20 Y 
18 1 "C3'" A DC  8  ? ? "O3'" A DC  8  ? ? P     A DG  9  ? ? 130.82 119.70 11.12  1.20 Y 
19 1 "C3'" A DG  9  ? ? "O3'" A DG  9  ? ? P     A DC  10 ? ? 133.24 119.70 13.54  1.20 Y 
20 1 N3    B DG  11 ? ? C2    B DG  11 ? ? N2    B DG  11 ? ? 124.92 119.90 5.02   0.70 N 
21 1 "C3'" B DG  11 ? ? "O3'" B DG  11 ? ? P     B DC  12 ? ? 126.93 119.70 7.23   1.20 Y 
22 1 "O4'" B DC  12 ? ? "C1'" B DC  12 ? ? N1    B DC  12 ? ? 112.46 108.30 4.16   0.30 N 
23 1 "C3'" B DC  12 ? ? "O3'" B DC  12 ? ? P     B DG  13 ? ? 129.64 119.70 9.94   1.20 Y 
24 1 P     B DG  13 ? ? "O5'" B DG  13 ? ? "C5'" B DG  13 ? ? 137.57 120.90 16.67  1.60 N 
25 1 "C3'" B DG  13 ? ? "O3'" B DG  13 ? ? P     B DT  14 ? ? 129.06 119.70 9.36   1.20 Y 
26 1 "O4'" B DT  14 ? ? "C1'" B DT  14 ? ? N1    B DT  14 ? ? 114.45 108.30 6.15   0.30 N 
27 1 C4    B DT  14 ? ? C5    B DT  14 ? ? C7    B DT  14 ? ? 133.76 119.00 14.76  0.60 N 
28 1 C6    B DT  14 ? ? C5    B DT  14 ? ? C7    B DT  14 ? ? 107.92 122.90 -14.98 0.60 N 
29 1 "C3'" B DT  14 ? ? "O3'" B DT  14 ? ? P     B DG  15 ? ? 130.97 119.70 11.27  1.20 Y 
30 1 P     B DG  15 ? ? "O5'" B DG  15 ? ? "C5'" B DG  15 ? ? 136.22 120.90 15.32  1.60 N 
31 1 "C3'" B DG  15 ? ? "C2'" B DG  15 ? ? "C1'" B DG  15 ? ? 97.56  102.40 -4.84  0.80 N 
32 1 N3    B DG  15 ? ? C2    B DG  15 ? ? N2    B DG  15 ? ? 125.21 119.90 5.31   0.70 N 
33 1 "C3'" B DG  15 ? ? "O3'" B DG  15 ? ? P     B DA  16 ? ? 130.87 119.70 11.17  1.20 Y 
34 1 N7    B DA  16 ? ? C8    B DA  16 ? ? N9    B DA  16 ? ? 117.98 113.80 4.18   0.50 N 
35 1 N1    B DA  16 ? ? C6    B DA  16 ? ? N6    B DA  16 ? ? 123.00 118.60 4.40   0.60 N 
36 1 "C3'" B DT  17 ? ? "C2'" B DT  17 ? ? "C1'" B DT  17 ? ? 96.13  102.40 -6.27  0.80 N 
37 1 "O4'" B DT  17 ? ? "C1'" B DT  17 ? ? N1    B DT  17 ? ? 115.47 108.30 7.17   0.30 N 
38 1 C5    B DT  17 ? ? C6    B DT  17 ? ? N1    B DT  17 ? ? 128.64 123.70 4.94   0.60 N 
39 1 C4    B DT  17 ? ? C5    B DT  17 ? ? C7    B DT  17 ? ? 137.16 119.00 18.16  0.60 N 
40 1 C6    B DT  17 ? ? C5    B DT  17 ? ? C7    B DT  17 ? ? 104.14 122.90 -18.76 0.60 N 
41 1 C6    B DT  17 ? ? N1    B DT  17 ? ? "C1'" B DT  17 ? ? 108.28 120.40 -12.12 1.50 N 
42 1 C2    B DT  17 ? ? N1    B DT  17 ? ? "C1'" B DT  17 ? ? 130.19 118.20 11.99  1.60 N 
43 1 "C3'" B DT  17 ? ? "O3'" B DT  17 ? ? P     B DG  18 ? ? 135.81 119.70 16.11  1.20 Y 
44 1 "C3'" B DG  18 ? ? "O3'" B DG  18 ? ? P     B DC  19 ? ? 128.88 119.70 9.18   1.20 Y 
45 1 "O4'" B DC  19 ? ? "C1'" B DC  19 ? ? N1    B DC  19 ? ? 111.63 108.30 3.33   0.30 N 
46 1 "C3'" B DC  19 ? ? "O3'" B DC  19 ? ? P     B DG  20 ? ? 132.13 119.70 12.43  1.20 Y 
47 1 "O4'" B DG  20 ? ? "C1'" B DG  20 ? ? N9    B DG  20 ? ? 110.33 108.30 2.03   0.30 N 
48 1 N7    B DG  20 ? ? C8    B DG  20 ? ? N9    B DG  20 ? ? 116.11 113.10 3.01   0.50 N 
49 1 N3    B DG  20 ? ? C2    B DG  20 ? ? N2    B DG  20 ? ? 126.06 119.90 6.16   0.70 N 
# 
_pdbx_struct_mod_residue.id               1 
_pdbx_struct_mod_residue.label_asym_id    A 
_pdbx_struct_mod_residue.label_comp_id    64T 
_pdbx_struct_mod_residue.label_seq_id     5 
_pdbx_struct_mod_residue.auth_asym_id     A 
_pdbx_struct_mod_residue.auth_comp_id     64T 
_pdbx_struct_mod_residue.auth_seq_id      5 
_pdbx_struct_mod_residue.PDB_ins_code     ? 
_pdbx_struct_mod_residue.parent_comp_id   DT 
_pdbx_struct_mod_residue.details          "5-HYDROXY-THYMIDINE-5'-MONOPHOSPHATE" 
# 
_pdbx_nmr_ensemble.entry_id                                      1CFL 
_pdbx_nmr_ensemble.conformers_calculated_total_number            ? 
_pdbx_nmr_ensemble.conformers_submitted_total_number             1 
_pdbx_nmr_ensemble.conformer_selection_criteria                  'LEAST RESTRAINT VIOLATION' 
_pdbx_nmr_ensemble.average_constraints_per_residue               ? 
_pdbx_nmr_ensemble.average_constraint_violations_per_residue     ? 
_pdbx_nmr_ensemble.maximum_distance_constraint_violation         ? 
_pdbx_nmr_ensemble.average_distance_constraint_violation         ? 
_pdbx_nmr_ensemble.maximum_upper_distance_constraint_violation   ? 
_pdbx_nmr_ensemble.maximum_lower_distance_constraint_violation   ? 
_pdbx_nmr_ensemble.distance_constraint_violation_method          ? 
_pdbx_nmr_ensemble.maximum_torsion_angle_constraint_violation    ? 
_pdbx_nmr_ensemble.average_torsion_angle_constraint_violation    ? 
_pdbx_nmr_ensemble.torsion_angle_constraint_violation_method     ? 
# 
_pdbx_nmr_sample_details.solution_id      1 
_pdbx_nmr_sample_details.contents         '100% D2O OR 10% WATER/ 90% D2O' 
_pdbx_nmr_sample_details.solvent_system   ? 
# 
_pdbx_nmr_exptl_sample_conditions.conditions_id       1 
_pdbx_nmr_exptl_sample_conditions.temperature         274.0 
_pdbx_nmr_exptl_sample_conditions.pressure            ? 
_pdbx_nmr_exptl_sample_conditions.pH                  6.6 
_pdbx_nmr_exptl_sample_conditions.ionic_strength      ? 
_pdbx_nmr_exptl_sample_conditions.pressure_units      ? 
_pdbx_nmr_exptl_sample_conditions.temperature_units   K 
# 
_pdbx_nmr_exptl.experiment_id   1 
_pdbx_nmr_exptl.conditions_id   1 
_pdbx_nmr_exptl.type            NOESY 
_pdbx_nmr_exptl.solution_id     1 
# 
_pdbx_nmr_details.entry_id   1CFL 
_pdbx_nmr_details.text       
;MEAN STRUCTURE. THE STRUCTURE WAS DETERMINED USING SA METHOD WITH DISTANCE RESTRAINTS AND FULL RELAXATION MATRIX REFINEMENT WITH NOE INTENSITY RESTRAINTS OF 50, 80, 160 MS MIXING TIMES
;
# 
_pdbx_nmr_refine.entry_id           1CFL 
_pdbx_nmr_refine.method             'SIMULATED ANNEALING AND FULL RELAXATION MATRIX REFINEMENT' 
_pdbx_nmr_refine.details            ? 
_pdbx_nmr_refine.software_ordinal   1 
# 
loop_
_pdbx_nmr_software.classification 
_pdbx_nmr_software.name 
_pdbx_nmr_software.version 
_pdbx_nmr_software.authors 
_pdbx_nmr_software.ordinal 
refinement           X-PLOR 3.1 BRUNGER 1 
'structure solution' X-PLOR ?   ?       2 
# 
loop_
_chem_comp_atom.comp_id 
_chem_comp_atom.atom_id 
_chem_comp_atom.type_symbol 
_chem_comp_atom.pdbx_aromatic_flag 
_chem_comp_atom.pdbx_stereo_config 
_chem_comp_atom.pdbx_ordinal 
64T P      P N N 1   
64T OP1    O N N 2   
64T OP2    O N N 3   
64T "O5'"  O N N 4   
64T "C5'"  C N N 5   
64T "C4'"  C N R 6   
64T "O4'"  O N N 7   
64T "C3'"  C N S 8   
64T "O3'"  O N N 9   
64T "C2'"  C N N 10  
64T "C1'"  C N R 11  
64T N1     N N N 12  
64T C2     C N N 13  
64T O2     O N N 14  
64T N3     N N N 15  
64T C4     C N N 16  
64T O4     O N N 17  
64T C5     C N R 18  
64T C5M    C N N 19  
64T O5     O N N 20  
64T C6     C N N 21  
64T OP3    O N N 22  
64T HOP2   H N N 23  
64T "H5'"  H N N 24  
64T "H5''" H N N 25  
64T "H4'"  H N N 26  
64T "H3'"  H N N 27  
64T "HO3'" H N N 28  
64T "H2'"  H N N 29  
64T "H2''" H N N 30  
64T "H1'"  H N N 31  
64T H3     H N N 32  
64T H71    H N N 33  
64T H72    H N N 34  
64T H73    H N N 35  
64T HO5    H N N 36  
64T H61    H N N 37  
64T H62    H N N 38  
64T HOP3   H N N 39  
DA  OP3    O N N 40  
DA  P      P N N 41  
DA  OP1    O N N 42  
DA  OP2    O N N 43  
DA  "O5'"  O N N 44  
DA  "C5'"  C N N 45  
DA  "C4'"  C N R 46  
DA  "O4'"  O N N 47  
DA  "C3'"  C N S 48  
DA  "O3'"  O N N 49  
DA  "C2'"  C N N 50  
DA  "C1'"  C N R 51  
DA  N9     N Y N 52  
DA  C8     C Y N 53  
DA  N7     N Y N 54  
DA  C5     C Y N 55  
DA  C6     C Y N 56  
DA  N6     N N N 57  
DA  N1     N Y N 58  
DA  C2     C Y N 59  
DA  N3     N Y N 60  
DA  C4     C Y N 61  
DA  HOP3   H N N 62  
DA  HOP2   H N N 63  
DA  "H5'"  H N N 64  
DA  "H5''" H N N 65  
DA  "H4'"  H N N 66  
DA  "H3'"  H N N 67  
DA  "HO3'" H N N 68  
DA  "H2'"  H N N 69  
DA  "H2''" H N N 70  
DA  "H1'"  H N N 71  
DA  H8     H N N 72  
DA  H61    H N N 73  
DA  H62    H N N 74  
DA  H2     H N N 75  
DC  OP3    O N N 76  
DC  P      P N N 77  
DC  OP1    O N N 78  
DC  OP2    O N N 79  
DC  "O5'"  O N N 80  
DC  "C5'"  C N N 81  
DC  "C4'"  C N R 82  
DC  "O4'"  O N N 83  
DC  "C3'"  C N S 84  
DC  "O3'"  O N N 85  
DC  "C2'"  C N N 86  
DC  "C1'"  C N R 87  
DC  N1     N N N 88  
DC  C2     C N N 89  
DC  O2     O N N 90  
DC  N3     N N N 91  
DC  C4     C N N 92  
DC  N4     N N N 93  
DC  C5     C N N 94  
DC  C6     C N N 95  
DC  HOP3   H N N 96  
DC  HOP2   H N N 97  
DC  "H5'"  H N N 98  
DC  "H5''" H N N 99  
DC  "H4'"  H N N 100 
DC  "H3'"  H N N 101 
DC  "HO3'" H N N 102 
DC  "H2'"  H N N 103 
DC  "H2''" H N N 104 
DC  "H1'"  H N N 105 
DC  H41    H N N 106 
DC  H42    H N N 107 
DC  H5     H N N 108 
DC  H6     H N N 109 
DG  OP3    O N N 110 
DG  P      P N N 111 
DG  OP1    O N N 112 
DG  OP2    O N N 113 
DG  "O5'"  O N N 114 
DG  "C5'"  C N N 115 
DG  "C4'"  C N R 116 
DG  "O4'"  O N N 117 
DG  "C3'"  C N S 118 
DG  "O3'"  O N N 119 
DG  "C2'"  C N N 120 
DG  "C1'"  C N R 121 
DG  N9     N Y N 122 
DG  C8     C Y N 123 
DG  N7     N Y N 124 
DG  C5     C Y N 125 
DG  C6     C N N 126 
DG  O6     O N N 127 
DG  N1     N N N 128 
DG  C2     C N N 129 
DG  N2     N N N 130 
DG  N3     N N N 131 
DG  C4     C Y N 132 
DG  HOP3   H N N 133 
DG  HOP2   H N N 134 
DG  "H5'"  H N N 135 
DG  "H5''" H N N 136 
DG  "H4'"  H N N 137 
DG  "H3'"  H N N 138 
DG  "HO3'" H N N 139 
DG  "H2'"  H N N 140 
DG  "H2''" H N N 141 
DG  "H1'"  H N N 142 
DG  H8     H N N 143 
DG  H1     H N N 144 
DG  H21    H N N 145 
DG  H22    H N N 146 
DT  OP3    O N N 147 
DT  P      P N N 148 
DT  OP1    O N N 149 
DT  OP2    O N N 150 
DT  "O5'"  O N N 151 
DT  "C5'"  C N N 152 
DT  "C4'"  C N R 153 
DT  "O4'"  O N N 154 
DT  "C3'"  C N S 155 
DT  "O3'"  O N N 156 
DT  "C2'"  C N N 157 
DT  "C1'"  C N R 158 
DT  N1     N N N 159 
DT  C2     C N N 160 
DT  O2     O N N 161 
DT  N3     N N N 162 
DT  C4     C N N 163 
DT  O4     O N N 164 
DT  C5     C N N 165 
DT  C7     C N N 166 
DT  C6     C N N 167 
DT  HOP3   H N N 168 
DT  HOP2   H N N 169 
DT  "H5'"  H N N 170 
DT  "H5''" H N N 171 
DT  "H4'"  H N N 172 
DT  "H3'"  H N N 173 
DT  "HO3'" H N N 174 
DT  "H2'"  H N N 175 
DT  "H2''" H N N 176 
DT  "H1'"  H N N 177 
DT  H3     H N N 178 
DT  H71    H N N 179 
DT  H72    H N N 180 
DT  H73    H N N 181 
DT  H6     H N N 182 
# 
loop_
_chem_comp_bond.comp_id 
_chem_comp_bond.atom_id_1 
_chem_comp_bond.atom_id_2 
_chem_comp_bond.value_order 
_chem_comp_bond.pdbx_aromatic_flag 
_chem_comp_bond.pdbx_stereo_config 
_chem_comp_bond.pdbx_ordinal 
64T P     OP1    doub N N 1   
64T P     OP2    sing N N 2   
64T P     "O5'"  sing N N 3   
64T P     OP3    sing N N 4   
64T OP2   HOP2   sing N N 5   
64T "O5'" "C5'"  sing N N 6   
64T "C5'" "C4'"  sing N N 7   
64T "C5'" "H5'"  sing N N 8   
64T "C5'" "H5''" sing N N 9   
64T "C4'" "O4'"  sing N N 10  
64T "C4'" "C3'"  sing N N 11  
64T "C4'" "H4'"  sing N N 12  
64T "O4'" "C1'"  sing N N 13  
64T "C3'" "O3'"  sing N N 14  
64T "C3'" "C2'"  sing N N 15  
64T "C3'" "H3'"  sing N N 16  
64T "O3'" "HO3'" sing N N 17  
64T "C2'" "C1'"  sing N N 18  
64T "C2'" "H2'"  sing N N 19  
64T "C2'" "H2''" sing N N 20  
64T "C1'" N1     sing N N 21  
64T "C1'" "H1'"  sing N N 22  
64T N1    C2     sing N N 23  
64T N1    C6     sing N N 24  
64T C2    O2     doub N N 25  
64T C2    N3     sing N N 26  
64T N3    C4     sing N N 27  
64T N3    H3     sing N N 28  
64T C4    O4     doub N N 29  
64T C4    C5     sing N N 30  
64T C5    C5M    sing N N 31  
64T C5    O5     sing N N 32  
64T C5    C6     sing N N 33  
64T C5M   H71    sing N N 34  
64T C5M   H72    sing N N 35  
64T C5M   H73    sing N N 36  
64T O5    HO5    sing N N 37  
64T C6    H61    sing N N 38  
64T C6    H62    sing N N 39  
64T OP3   HOP3   sing N N 40  
DA  OP3   P      sing N N 41  
DA  OP3   HOP3   sing N N 42  
DA  P     OP1    doub N N 43  
DA  P     OP2    sing N N 44  
DA  P     "O5'"  sing N N 45  
DA  OP2   HOP2   sing N N 46  
DA  "O5'" "C5'"  sing N N 47  
DA  "C5'" "C4'"  sing N N 48  
DA  "C5'" "H5'"  sing N N 49  
DA  "C5'" "H5''" sing N N 50  
DA  "C4'" "O4'"  sing N N 51  
DA  "C4'" "C3'"  sing N N 52  
DA  "C4'" "H4'"  sing N N 53  
DA  "O4'" "C1'"  sing N N 54  
DA  "C3'" "O3'"  sing N N 55  
DA  "C3'" "C2'"  sing N N 56  
DA  "C3'" "H3'"  sing N N 57  
DA  "O3'" "HO3'" sing N N 58  
DA  "C2'" "C1'"  sing N N 59  
DA  "C2'" "H2'"  sing N N 60  
DA  "C2'" "H2''" sing N N 61  
DA  "C1'" N9     sing N N 62  
DA  "C1'" "H1'"  sing N N 63  
DA  N9    C8     sing Y N 64  
DA  N9    C4     sing Y N 65  
DA  C8    N7     doub Y N 66  
DA  C8    H8     sing N N 67  
DA  N7    C5     sing Y N 68  
DA  C5    C6     sing Y N 69  
DA  C5    C4     doub Y N 70  
DA  C6    N6     sing N N 71  
DA  C6    N1     doub Y N 72  
DA  N6    H61    sing N N 73  
DA  N6    H62    sing N N 74  
DA  N1    C2     sing Y N 75  
DA  C2    N3     doub Y N 76  
DA  C2    H2     sing N N 77  
DA  N3    C4     sing Y N 78  
DC  OP3   P      sing N N 79  
DC  OP3   HOP3   sing N N 80  
DC  P     OP1    doub N N 81  
DC  P     OP2    sing N N 82  
DC  P     "O5'"  sing N N 83  
DC  OP2   HOP2   sing N N 84  
DC  "O5'" "C5'"  sing N N 85  
DC  "C5'" "C4'"  sing N N 86  
DC  "C5'" "H5'"  sing N N 87  
DC  "C5'" "H5''" sing N N 88  
DC  "C4'" "O4'"  sing N N 89  
DC  "C4'" "C3'"  sing N N 90  
DC  "C4'" "H4'"  sing N N 91  
DC  "O4'" "C1'"  sing N N 92  
DC  "C3'" "O3'"  sing N N 93  
DC  "C3'" "C2'"  sing N N 94  
DC  "C3'" "H3'"  sing N N 95  
DC  "O3'" "HO3'" sing N N 96  
DC  "C2'" "C1'"  sing N N 97  
DC  "C2'" "H2'"  sing N N 98  
DC  "C2'" "H2''" sing N N 99  
DC  "C1'" N1     sing N N 100 
DC  "C1'" "H1'"  sing N N 101 
DC  N1    C2     sing N N 102 
DC  N1    C6     sing N N 103 
DC  C2    O2     doub N N 104 
DC  C2    N3     sing N N 105 
DC  N3    C4     doub N N 106 
DC  C4    N4     sing N N 107 
DC  C4    C5     sing N N 108 
DC  N4    H41    sing N N 109 
DC  N4    H42    sing N N 110 
DC  C5    C6     doub N N 111 
DC  C5    H5     sing N N 112 
DC  C6    H6     sing N N 113 
DG  OP3   P      sing N N 114 
DG  OP3   HOP3   sing N N 115 
DG  P     OP1    doub N N 116 
DG  P     OP2    sing N N 117 
DG  P     "O5'"  sing N N 118 
DG  OP2   HOP2   sing N N 119 
DG  "O5'" "C5'"  sing N N 120 
DG  "C5'" "C4'"  sing N N 121 
DG  "C5'" "H5'"  sing N N 122 
DG  "C5'" "H5''" sing N N 123 
DG  "C4'" "O4'"  sing N N 124 
DG  "C4'" "C3'"  sing N N 125 
DG  "C4'" "H4'"  sing N N 126 
DG  "O4'" "C1'"  sing N N 127 
DG  "C3'" "O3'"  sing N N 128 
DG  "C3'" "C2'"  sing N N 129 
DG  "C3'" "H3'"  sing N N 130 
DG  "O3'" "HO3'" sing N N 131 
DG  "C2'" "C1'"  sing N N 132 
DG  "C2'" "H2'"  sing N N 133 
DG  "C2'" "H2''" sing N N 134 
DG  "C1'" N9     sing N N 135 
DG  "C1'" "H1'"  sing N N 136 
DG  N9    C8     sing Y N 137 
DG  N9    C4     sing Y N 138 
DG  C8    N7     doub Y N 139 
DG  C8    H8     sing N N 140 
DG  N7    C5     sing Y N 141 
DG  C5    C6     sing N N 142 
DG  C5    C4     doub Y N 143 
DG  C6    O6     doub N N 144 
DG  C6    N1     sing N N 145 
DG  N1    C2     sing N N 146 
DG  N1    H1     sing N N 147 
DG  C2    N2     sing N N 148 
DG  C2    N3     doub N N 149 
DG  N2    H21    sing N N 150 
DG  N2    H22    sing N N 151 
DG  N3    C4     sing N N 152 
DT  OP3   P      sing N N 153 
DT  OP3   HOP3   sing N N 154 
DT  P     OP1    doub N N 155 
DT  P     OP2    sing N N 156 
DT  P     "O5'"  sing N N 157 
DT  OP2   HOP2   sing N N 158 
DT  "O5'" "C5'"  sing N N 159 
DT  "C5'" "C4'"  sing N N 160 
DT  "C5'" "H5'"  sing N N 161 
DT  "C5'" "H5''" sing N N 162 
DT  "C4'" "O4'"  sing N N 163 
DT  "C4'" "C3'"  sing N N 164 
DT  "C4'" "H4'"  sing N N 165 
DT  "O4'" "C1'"  sing N N 166 
DT  "C3'" "O3'"  sing N N 167 
DT  "C3'" "C2'"  sing N N 168 
DT  "C3'" "H3'"  sing N N 169 
DT  "O3'" "HO3'" sing N N 170 
DT  "C2'" "C1'"  sing N N 171 
DT  "C2'" "H2'"  sing N N 172 
DT  "C2'" "H2''" sing N N 173 
DT  "C1'" N1     sing N N 174 
DT  "C1'" "H1'"  sing N N 175 
DT  N1    C2     sing N N 176 
DT  N1    C6     sing N N 177 
DT  C2    O2     doub N N 178 
DT  C2    N3     sing N N 179 
DT  N3    C4     sing N N 180 
DT  N3    H3     sing N N 181 
DT  C4    O4     doub N N 182 
DT  C4    C5     sing N N 183 
DT  C5    C7     sing N N 184 
DT  C5    C6     doub N N 185 
DT  C7    H71    sing N N 186 
DT  C7    H72    sing N N 187 
DT  C7    H73    sing N N 188 
DT  C6    H6     sing N N 189 
# 
loop_
_ndb_struct_conf_na.entry_id 
_ndb_struct_conf_na.feature 
1CFL 'double helix'         
1CFL 'mismatched base pair' 
# 
loop_
_ndb_struct_na_base_pair.model_number 
_ndb_struct_na_base_pair.i_label_asym_id 
_ndb_struct_na_base_pair.i_label_comp_id 
_ndb_struct_na_base_pair.i_label_seq_id 
_ndb_struct_na_base_pair.i_symmetry 
_ndb_struct_na_base_pair.j_label_asym_id 
_ndb_struct_na_base_pair.j_label_comp_id 
_ndb_struct_na_base_pair.j_label_seq_id 
_ndb_struct_na_base_pair.j_symmetry 
_ndb_struct_na_base_pair.shear 
_ndb_struct_na_base_pair.stretch 
_ndb_struct_na_base_pair.stagger 
_ndb_struct_na_base_pair.buckle 
_ndb_struct_na_base_pair.propeller 
_ndb_struct_na_base_pair.opening 
_ndb_struct_na_base_pair.pair_number 
_ndb_struct_na_base_pair.pair_name 
_ndb_struct_na_base_pair.i_auth_asym_id 
_ndb_struct_na_base_pair.i_auth_seq_id 
_ndb_struct_na_base_pair.i_PDB_ins_code 
_ndb_struct_na_base_pair.j_auth_asym_id 
_ndb_struct_na_base_pair.j_auth_seq_id 
_ndb_struct_na_base_pair.j_PDB_ins_code 
_ndb_struct_na_base_pair.hbond_type_28 
_ndb_struct_na_base_pair.hbond_type_12 
1 A DC  1  1_555 B DG 10 1_555 0.436  -0.195 -0.361 21.253  -20.677 -4.205 1 A_DC1:DG20_B  A 1  ? B 20 ? 19 1 
1 A DG  2  1_555 B DC 9  1_555 -0.679 -0.180 0.336  9.444   -2.196  -1.055 2 A_DG2:DC19_B  A 2  ? B 19 ? 19 1 
1 A DC  3  1_555 B DG 8  1_555 0.173  -0.139 0.393  -8.482  3.485   -3.760 3 A_DC3:DG18_B  A 3  ? B 18 ? 19 1 
1 A DA  4  1_555 B DT 7  1_555 -0.253 -0.116 0.187  17.333  6.588   5.980  4 A_DA4:DT17_B  A 4  ? B 17 ? 20 1 
1 A 64T 5  1_555 B DA 6  1_555 0.477  -0.142 -1.385 37.859  -28.906 8.265  5 A_64T5:DA16_B A 5  ? B 16 ? 20 1 
1 A DA  7  1_555 B DT 4  1_555 -0.217 -0.187 0.086  -4.824  -6.920  9.589  6 A_DA7:DT14_B  A 7  ? B 14 ? 20 1 
1 A DC  8  1_555 B DG 3  1_555 0.415  -0.131 0.076  -6.275  -6.862  -0.818 7 A_DC8:DG13_B  A 8  ? B 13 ? 19 1 
1 A DG  9  1_555 B DC 2  1_555 -0.354 -0.252 -0.137 5.225   9.732   -3.294 8 A_DG9:DC12_B  A 9  ? B 12 ? 19 1 
1 A DC  10 1_555 B DG 1  1_555 0.112  -0.138 -0.088 -11.620 13.556  -8.472 9 A_DC10:DG11_B A 10 ? B 11 ? 19 1 
# 
loop_
_ndb_struct_na_base_pair_step.model_number 
_ndb_struct_na_base_pair_step.i_label_asym_id_1 
_ndb_struct_na_base_pair_step.i_label_comp_id_1 
_ndb_struct_na_base_pair_step.i_label_seq_id_1 
_ndb_struct_na_base_pair_step.i_symmetry_1 
_ndb_struct_na_base_pair_step.j_label_asym_id_1 
_ndb_struct_na_base_pair_step.j_label_comp_id_1 
_ndb_struct_na_base_pair_step.j_label_seq_id_1 
_ndb_struct_na_base_pair_step.j_symmetry_1 
_ndb_struct_na_base_pair_step.i_label_asym_id_2 
_ndb_struct_na_base_pair_step.i_label_comp_id_2 
_ndb_struct_na_base_pair_step.i_label_seq_id_2 
_ndb_struct_na_base_pair_step.i_symmetry_2 
_ndb_struct_na_base_pair_step.j_label_asym_id_2 
_ndb_struct_na_base_pair_step.j_label_comp_id_2 
_ndb_struct_na_base_pair_step.j_label_seq_id_2 
_ndb_struct_na_base_pair_step.j_symmetry_2 
_ndb_struct_na_base_pair_step.shift 
_ndb_struct_na_base_pair_step.slide 
_ndb_struct_na_base_pair_step.rise 
_ndb_struct_na_base_pair_step.tilt 
_ndb_struct_na_base_pair_step.roll 
_ndb_struct_na_base_pair_step.twist 
_ndb_struct_na_base_pair_step.x_displacement 
_ndb_struct_na_base_pair_step.y_displacement 
_ndb_struct_na_base_pair_step.helical_rise 
_ndb_struct_na_base_pair_step.inclination 
_ndb_struct_na_base_pair_step.tip 
_ndb_struct_na_base_pair_step.helical_twist 
_ndb_struct_na_base_pair_step.step_number 
_ndb_struct_na_base_pair_step.step_name 
_ndb_struct_na_base_pair_step.i_auth_asym_id_1 
_ndb_struct_na_base_pair_step.i_auth_seq_id_1 
_ndb_struct_na_base_pair_step.i_PDB_ins_code_1 
_ndb_struct_na_base_pair_step.j_auth_asym_id_1 
_ndb_struct_na_base_pair_step.j_auth_seq_id_1 
_ndb_struct_na_base_pair_step.j_PDB_ins_code_1 
_ndb_struct_na_base_pair_step.i_auth_asym_id_2 
_ndb_struct_na_base_pair_step.i_auth_seq_id_2 
_ndb_struct_na_base_pair_step.i_PDB_ins_code_2 
_ndb_struct_na_base_pair_step.j_auth_asym_id_2 
_ndb_struct_na_base_pair_step.j_auth_seq_id_2 
_ndb_struct_na_base_pair_step.j_PDB_ins_code_2 
1 A DC  1 1_555 B DG 10 1_555 A DG  2  1_555 B DC 9 1_555 0.196  -1.642 3.364 -5.472 12.274  30.135 -4.846 -1.216 2.455 22.267  
9.928   32.932  1 AA_DC1DG2:DC19DG20_BB  A 1 ? B 20 ? A 2  ? B 19 ? 
1 A DG  2 1_555 B DC 9  1_555 A DC  3  1_555 B DG 8 1_555 -0.439 -0.935 3.458 -1.114 7.144   44.387 -1.892 0.470  3.287 9.382   
1.463   44.943  2 AA_DG2DC3:DG18DC19_BB  A 2 ? B 19 ? A 3  ? B 18 ? 
1 A DC  3 1_555 B DG 8  1_555 A DA  4  1_555 B DT 7 1_555 0.891  0.437  2.731 2.621  -9.168  31.033 2.119  -1.214 2.566 -16.650 
-4.760  32.430  3 AA_DC3DA4:DT17DG18_BB  A 3 ? B 18 ? A 4  ? B 17 ? 
1 A DA  4 1_555 B DT 7  1_555 A 64T 5  1_555 B DA 6 1_555 0.650  -0.111 3.200 18.465 -10.709 31.264 1.279  1.495  3.010 -17.544 
-30.249 37.705  4 AA_DA464T5:DA16DT17_BB A 4 ? B 17 ? A 5  ? B 16 ? 
1 A 64T 5 1_555 B DA 6  1_555 A DA  7  1_555 B DT 4 1_555 0.882  0.558  7.378 4.546  62.548  84.135 -2.069 -0.394 6.702 42.174  
-3.065  101.318 5 AA_64T5DA7:DT14DA16_BB A 5 ? B 16 ? A 7  ? B 14 ? 
1 A DA  7 1_555 B DT 4  1_555 A DC  8  1_555 B DG 3 1_555 -0.339 -0.811 3.124 -0.250 -1.632  34.472 -1.124 0.535  3.160 -2.751  
0.422   34.510  6 AA_DA7DC8:DG13DT14_BB  A 7 ? B 14 ? A 8  ? B 13 ? 
1 A DC  8 1_555 B DG 3  1_555 A DG  9  1_555 B DC 2 1_555 0.136  -0.492 2.826 -1.277 3.134   33.478 -1.288 -0.414 2.763 5.423   
2.210   33.643  7 AA_DC8DG9:DC12DG13_BB  A 8 ? B 13 ? A 9  ? B 12 ? 
1 A DG  9 1_555 B DC 2  1_555 A DC  10 1_555 B DG 1 1_555 -0.032 -1.507 3.722 1.447  7.182   37.883 -3.256 0.245  3.388 10.938  
-2.204  38.559  8 AA_DG9DC10:DG11DC12_BB A 9 ? B 12 ? A 10 ? B 11 ? 
# 
_pdbx_nmr_spectrometer.spectrometer_id   1 
_pdbx_nmr_spectrometer.model             DMX 
_pdbx_nmr_spectrometer.manufacturer      Bruker 
_pdbx_nmr_spectrometer.field_strength    600 
_pdbx_nmr_spectrometer.type              ? 
# 
_atom_sites.entry_id                    1CFL 
_atom_sites.fract_transf_matrix[1][1]   1.000000 
_atom_sites.fract_transf_matrix[1][2]   0.000000 
_atom_sites.fract_transf_matrix[1][3]   0.000000 
_atom_sites.fract_transf_matrix[2][1]   0.000000 
_atom_sites.fract_transf_matrix[2][2]   1.000000 
_atom_sites.fract_transf_matrix[2][3]   0.000000 
_atom_sites.fract_transf_matrix[3][1]   0.000000 
_atom_sites.fract_transf_matrix[3][2]   0.000000 
_atom_sites.fract_transf_matrix[3][3]   1.000000 
_atom_sites.fract_transf_vector[1]      0.00000 
_atom_sites.fract_transf_vector[2]      0.00000 
_atom_sites.fract_transf_vector[3]      0.00000 
# 
loop_
_atom_type.symbol 
C 
H 
N 
O 
P 
# 
loop_
_atom_site.group_PDB 
_atom_site.id 
_atom_site.type_symbol 
_atom_site.label_atom_id 
_atom_site.label_alt_id 
_atom_site.label_comp_id 
_atom_site.label_asym_id 
_atom_site.label_entity_id 
_atom_site.label_seq_id 
_atom_site.pdbx_PDB_ins_code 
_atom_site.Cartn_x 
_atom_site.Cartn_y 
_atom_site.Cartn_z 
_atom_site.occupancy 
_atom_site.B_iso_or_equiv 
_atom_site.pdbx_formal_charge 
_atom_site.auth_seq_id 
_atom_site.auth_comp_id 
_atom_site.auth_asym_id 
_atom_site.auth_atom_id 
_atom_site.pdbx_PDB_model_num 
ATOM   1   O "O5'"  . DC  A 1 1  ? 9.819   -4.758  14.303  1.00 0.51 ? 1  DC  A "O5'"  1 
ATOM   2   C "C5'"  . DC  A 1 1  ? 8.677   -5.014  13.494  1.00 0.49 ? 1  DC  A "C5'"  1 
ATOM   3   C "C4'"  . DC  A 1 1  ? 7.620   -3.944  13.787  1.00 0.46 ? 1  DC  A "C4'"  1 
ATOM   4   O "O4'"  . DC  A 1 1  ? 8.186   -2.600  13.689  1.00 0.43 ? 1  DC  A "O4'"  1 
ATOM   5   C "C3'"  . DC  A 1 1  ? 6.429   -3.994  12.877  1.00 0.44 ? 1  DC  A "C3'"  1 
ATOM   6   O "O3'"  . DC  A 1 1  ? 5.194   -4.335  13.535  1.00 0.48 ? 1  DC  A "O3'"  1 
ATOM   7   C "C2'"  . DC  A 1 1  ? 6.355   -2.636  12.246  1.00 0.36 ? 1  DC  A "C2'"  1 
ATOM   8   C "C1'"  . DC  A 1 1  ? 7.166   -1.762  13.183  1.00 0.37 ? 1  DC  A "C1'"  1 
ATOM   9   N N1     . DC  A 1 1  ? 7.675   -0.614  12.439  1.00 0.32 ? 1  DC  A N1     1 
ATOM   10  C C2     . DC  A 1 1  ? 7.339   0.746   12.690  1.00 0.29 ? 1  DC  A C2     1 
ATOM   11  O O2     . DC  A 1 1  ? 6.585   1.078   13.619  1.00 0.30 ? 1  DC  A O2     1 
ATOM   12  N N3     . DC  A 1 1  ? 7.891   1.706   11.860  1.00 0.26 ? 1  DC  A N3     1 
ATOM   13  C C4     . DC  A 1 1  ? 8.704   1.353   10.836  1.00 0.25 ? 1  DC  A C4     1 
ATOM   14  N N4     . DC  A 1 1  ? 9.233   2.306   10.039  1.00 0.22 ? 1  DC  A N4     1 
ATOM   15  C C5     . DC  A 1 1  ? 9.006   -0.042  10.611  1.00 0.29 ? 1  DC  A C5     1 
ATOM   16  C C6     . DC  A 1 1  ? 8.467   -0.930  11.425  1.00 0.32 ? 1  DC  A C6     1 
ATOM   17  H "H5'"  . DC  A 1 1  ? 8.275   -6.028  13.712  1.00 0.52 ? 1  DC  A "H5'"  1 
ATOM   18  H "H5''" . DC  A 1 1  ? 8.981   -4.966  12.425  1.00 0.47 ? 1  DC  A "H5''" 1 
ATOM   19  H "H4'"  . DC  A 1 1  ? 7.192   -4.066  14.759  1.00 0.48 ? 1  DC  A "H4'"  1 
ATOM   20  H "H3'"  . DC  A 1 1  ? 6.704   -4.752  12.165  1.00 0.45 ? 1  DC  A "H3'"  1 
ATOM   21  H "H2'"  . DC  A 1 1  ? 6.624   -2.657  11.172  1.00 0.35 ? 1  DC  A "H2'"  1 
ATOM   22  H "H2''" . DC  A 1 1  ? 5.398   -2.180  12.224  1.00 0.32 ? 1  DC  A "H2''" 1 
ATOM   23  H "H1'"  . DC  A 1 1  ? 6.549   -1.488  14.006  1.00 0.37 ? 1  DC  A "H1'"  1 
ATOM   24  H H41    . DC  A 1 1  ? 8.985   3.265   10.238  1.00 0.21 ? 1  DC  A H41    1 
ATOM   25  H H42    . DC  A 1 1  ? 9.834   2.070   9.281   1.00 0.22 ? 1  DC  A H42    1 
ATOM   26  H H5     . DC  A 1 1  ? 9.618   -0.498  9.859   1.00 0.30 ? 1  DC  A H5     1 
ATOM   27  H H6     . DC  A 1 1  ? 8.562   -2.002  11.450  1.00 0.36 ? 1  DC  A H6     1 
ATOM   28  H "HO5'" . DC  A 1 1  ? 9.727   -3.800  14.378  1.00 0.49 ? 1  DC  A "HO5'" 1 
ATOM   29  P P      . DG  A 1 2  ? 3.850   -4.806  12.778  1.00 0.49 ? 2  DG  A P      1 
ATOM   30  O OP1    . DG  A 1 2  ? 3.058   -5.647  13.703  1.00 0.60 ? 2  DG  A OP1    1 
ATOM   31  O OP2    . DG  A 1 2  ? 4.241   -5.390  11.474  1.00 0.56 ? 2  DG  A OP2    1 
ATOM   32  O "O5'"  . DG  A 1 2  ? 3.097   -3.401  12.526  1.00 0.34 ? 2  DG  A "O5'"  1 
ATOM   33  C "C5'"  . DG  A 1 2  ? 2.517   -2.588  13.574  1.00 0.26 ? 2  DG  A "C5'"  1 
ATOM   34  C "C4'"  . DG  A 1 2  ? 1.919   -1.266  13.078  1.00 0.16 ? 2  DG  A "C4'"  1 
ATOM   35  O "O4'"  . DG  A 1 2  ? 2.937   -0.380  12.549  1.00 0.15 ? 2  DG  A "O4'"  1 
ATOM   36  C "C3'"  . DG  A 1 2  ? 0.898   -1.421  11.960  1.00 0.18 ? 2  DG  A "C3'"  1 
ATOM   37  O "O3'"  . DG  A 1 2  ? -0.311  -0.726  12.316  1.00 0.21 ? 2  DG  A "O3'"  1 
ATOM   38  C "C2'"  . DG  A 1 2  ? 1.570   -0.798  10.749  1.00 0.16 ? 2  DG  A "C2'"  1 
ATOM   39  C "C1'"  . DG  A 1 2  ? 2.389   0.264   11.409  1.00 0.13 ? 2  DG  A "C1'"  1 
ATOM   40  N N9     . DG  A 1 2  ? 3.519   0.783   10.629  1.00 0.13 ? 2  DG  A N9     1 
ATOM   41  C C8     . DG  A 1 2  ? 4.573   0.056   10.292  1.00 0.15 ? 2  DG  A C8     1 
ATOM   42  N N7     . DG  A 1 2  ? 5.499   0.679   9.590   1.00 0.15 ? 2  DG  A N7     1 
ATOM   43  C C5     . DG  A 1 2  ? 4.990   1.961   9.464   1.00 0.11 ? 2  DG  A C5     1 
ATOM   44  C C6     . DG  A 1 2  ? 5.523   3.100   8.810   1.00 0.10 ? 2  DG  A C6     1 
ATOM   45  O O6     . DG  A 1 2  ? 6.605   3.165   8.211   1.00 0.11 ? 2  DG  A O6     1 
ATOM   46  N N1     . DG  A 1 2  ? 4.653   4.205   8.912   1.00 0.08 ? 2  DG  A N1     1 
ATOM   47  C C2     . DG  A 1 2  ? 3.429   4.217   9.576   1.00 0.09 ? 2  DG  A C2     1 
ATOM   48  N N2     . DG  A 1 2  ? 2.783   5.385   9.535   1.00 0.10 ? 2  DG  A N2     1 
ATOM   49  N N3     . DG  A 1 2  ? 2.946   3.129   10.191  1.00 0.09 ? 2  DG  A N3     1 
ATOM   50  C C4     . DG  A 1 2  ? 3.748   2.050   10.106  1.00 0.11 ? 2  DG  A C4     1 
ATOM   51  H "H5'"  . DG  A 1 2  ? 3.292   -2.347  14.336  1.00 0.30 ? 2  DG  A "H5'"  1 
ATOM   52  H "H5''" . DG  A 1 2  ? 1.710   -3.167  14.079  1.00 0.27 ? 2  DG  A "H5''" 1 
ATOM   53  H "H4'"  . DG  A 1 2  ? 1.480   -0.719  13.929  1.00 0.15 ? 2  DG  A "H4'"  1 
ATOM   54  H "H3'"  . DG  A 1 2  ? 0.688   -2.469  11.714  1.00 0.27 ? 2  DG  A "H3'"  1 
ATOM   55  H "H2'"  . DG  A 1 2  ? 2.232   -1.506  10.227  1.00 0.19 ? 2  DG  A "H2'"  1 
ATOM   56  H "H2''" . DG  A 1 2  ? 0.824   -0.389  10.054  1.00 0.16 ? 2  DG  A "H2''" 1 
ATOM   57  H "H1'"  . DG  A 1 2  ? 1.669   1.020   11.707  1.00 0.11 ? 2  DG  A "H1'"  1 
ATOM   58  H H8     . DG  A 1 2  ? 4.441   -0.949  10.673  1.00 0.17 ? 2  DG  A H8     1 
ATOM   59  H H1     . DG  A 1 2  ? 4.985   5.054   8.468   1.00 0.08 ? 2  DG  A H1     1 
ATOM   60  H H21    . DG  A 1 2  ? 3.184   6.197   9.096   1.00 0.11 ? 2  DG  A H21    1 
ATOM   61  H H22    . DG  A 1 2  ? 1.909   5.398   10.012  1.00 0.11 ? 2  DG  A H22    1 
ATOM   62  P P      . DC  A 1 3  ? -1.748  -0.651  11.612  1.00 0.32 ? 3  DC  A P      1 
ATOM   63  O OP1    . DC  A 1 3  ? -2.738  -0.207  12.618  1.00 0.47 ? 3  DC  A OP1    1 
ATOM   64  O OP2    . DC  A 1 3  ? -2.008  -1.927  10.911  1.00 0.47 ? 3  DC  A OP2    1 
ATOM   65  O "O5'"  . DC  A 1 3  ? -1.524  0.535   10.547  1.00 0.20 ? 3  DC  A "O5'"  1 
ATOM   66  C "C5'"  . DC  A 1 3  ? -1.238  1.912   10.878  1.00 0.20 ? 3  DC  A "C5'"  1 
ATOM   67  C "C4'"  . DC  A 1 3  ? -1.910  2.931   9.951   1.00 0.17 ? 3  DC  A "C4'"  1 
ATOM   68  O "O4'"  . DC  A 1 3  ? -0.890  3.766   9.287   1.00 0.20 ? 3  DC  A "O4'"  1 
ATOM   69  C "C3'"  . DC  A 1 3  ? -2.796  2.381   8.855   1.00 0.15 ? 3  DC  A "C3'"  1 
ATOM   70  O "O3'"  . DC  A 1 3  ? -3.881  3.293   8.522   1.00 0.16 ? 3  DC  A "O3'"  1 
ATOM   71  C "C2'"  . DC  A 1 3  ? -1.784  2.245   7.765   1.00 0.15 ? 3  DC  A "C2'"  1 
ATOM   72  C "C1'"  . DC  A 1 3  ? -0.809  3.393   7.914   1.00 0.16 ? 3  DC  A "C1'"  1 
ATOM   73  N N1     . DC  A 1 3  ? 0.541   2.942   7.553   1.00 0.13 ? 3  DC  A N1     1 
ATOM   74  C C2     . DC  A 1 3  ? 1.364   3.679   6.647   1.00 0.12 ? 3  DC  A C2     1 
ATOM   75  O O2     . DC  A 1 3  ? 0.996   4.752   6.143   1.00 0.13 ? 3  DC  A O2     1 
ATOM   76  N N3     . DC  A 1 3  ? 2.612   3.181   6.336   1.00 0.11 ? 3  DC  A N3     1 
ATOM   77  C C4     . DC  A 1 3  ? 3.028   2.018   6.862   1.00 0.11 ? 3  DC  A C4     1 
ATOM   78  N N4     . DC  A 1 3  ? 4.242   1.541   6.526   1.00 0.11 ? 3  DC  A N4     1 
ATOM   79  C C5     . DC  A 1 3  ? 2.184   1.282   7.760   1.00 0.12 ? 3  DC  A C5     1 
ATOM   80  C C6     . DC  A 1 3  ? 0.993   1.770   8.064   1.00 0.13 ? 3  DC  A C6     1 
ATOM   81  H "H5'"  . DC  A 1 3  ? -0.139  2.068   10.833  1.00 0.32 ? 3  DC  A "H5'"  1 
ATOM   82  H "H5''" . DC  A 1 3  ? -1.555  2.137   11.923  1.00 0.35 ? 3  DC  A "H5''" 1 
ATOM   83  H "H4'"  . DC  A 1 3  ? -2.553  3.564   10.554  1.00 0.15 ? 3  DC  A "H4'"  1 
ATOM   84  H "H3'"  . DC  A 1 3  ? -3.239  1.395   9.011   1.00 0.15 ? 3  DC  A "H3'"  1 
ATOM   85  H "H2'"  . DC  A 1 3  ? -1.465  1.235   7.383   1.00 0.15 ? 3  DC  A "H2'"  1 
ATOM   86  H "H2''" . DC  A 1 3  ? -2.348  2.595   7.002   1.00 0.15 ? 3  DC  A "H2''" 1 
ATOM   87  H "H1'"  . DC  A 1 3  ? -1.164  4.221   7.244   1.00 0.16 ? 3  DC  A "H1'"  1 
ATOM   88  H H41    . DC  A 1 3  ? 4.822   2.095   5.913   1.00 0.10 ? 3  DC  A H41    1 
ATOM   89  H H42    . DC  A 1 3  ? 4.573   0.709   6.956   1.00 0.11 ? 3  DC  A H42    1 
ATOM   90  H H5     . DC  A 1 3  ? 2.410   0.354   8.241   1.00 0.13 ? 3  DC  A H5     1 
ATOM   91  H H6     . DC  A 1 3  ? 0.330   1.254   8.756   1.00 0.14 ? 3  DC  A H6     1 
ATOM   92  P P      . DA  A 1 4  ? -5.192  3.026   7.612   1.00 0.14 ? 4  DA  A P      1 
ATOM   93  O OP1    . DA  A 1 4  ? -6.318  3.804   8.182   1.00 0.15 ? 4  DA  A OP1    1 
ATOM   94  O OP2    . DA  A 1 4  ? -5.384  1.567   7.442   1.00 0.13 ? 4  DA  A OP2    1 
ATOM   95  O "O5'"  . DA  A 1 4  ? -4.772  3.674   6.197   1.00 0.15 ? 4  DA  A "O5'"  1 
ATOM   96  C "C5'"  . DA  A 1 4  ? -4.689  5.093   5.951   1.00 0.15 ? 4  DA  A "C5'"  1 
ATOM   97  C "C4'"  . DA  A 1 4  ? -3.881  5.441   4.705   1.00 0.13 ? 4  DA  A "C4'"  1 
ATOM   98  O "O4'"  . DA  A 1 4  ? -2.511  4.984   4.798   1.00 0.11 ? 4  DA  A "O4'"  1 
ATOM   99  C "C3'"  . DA  A 1 4  ? -4.449  4.939   3.394   1.00 0.13 ? 4  DA  A "C3'"  1 
ATOM   100 O "O3'"  . DA  A 1 4  ? -5.102  5.940   2.580   1.00 0.14 ? 4  DA  A "O3'"  1 
ATOM   101 C "C2'"  . DA  A 1 4  ? -3.280  4.333   2.699   1.00 0.12 ? 4  DA  A "C2'"  1 
ATOM   102 C "C1'"  . DA  A 1 4  ? -2.044  4.693   3.498   1.00 0.10 ? 4  DA  A "C1'"  1 
ATOM   103 N N9     . DA  A 1 4  ? -1.116  3.582   3.691   1.00 0.10 ? 4  DA  A N9     1 
ATOM   104 C C8     . DA  A 1 4  ? -1.432  2.400   4.224   1.00 0.12 ? 4  DA  A C8     1 
ATOM   105 N N7     . DA  A 1 4  ? -0.442  1.531   4.295   1.00 0.13 ? 4  DA  A N7     1 
ATOM   106 C C5     . DA  A 1 4  ? 0.619   2.238   3.759   1.00 0.12 ? 4  DA  A C5     1 
ATOM   107 C C6     . DA  A 1 4  ? 1.970   1.882   3.550   1.00 0.12 ? 4  DA  A C6     1 
ATOM   108 N N6     . DA  A 1 4  ? 2.488   0.672   3.870   1.00 0.14 ? 4  DA  A N6     1 
ATOM   109 N N1     . DA  A 1 4  ? 2.752   2.835   2.996   1.00 0.11 ? 4  DA  A N1     1 
ATOM   110 C C2     . DA  A 1 4  ? 2.240   4.031   2.676   1.00 0.10 ? 4  DA  A C2     1 
ATOM   111 N N3     . DA  A 1 4  ? 1.002   4.463   2.827   1.00 0.09 ? 4  DA  A N3     1 
ATOM   112 C C4     . DA  A 1 4  ? 0.228   3.511   3.380   1.00 0.10 ? 4  DA  A C4     1 
ATOM   113 H "H5'"  . DA  A 1 4  ? -4.217  5.605   6.821   1.00 0.16 ? 4  DA  A "H5'"  1 
ATOM   114 H "H5''" . DA  A 1 4  ? -5.715  5.505   5.826   1.00 0.18 ? 4  DA  A "H5''" 1 
ATOM   115 H "H4'"  . DA  A 1 4  ? -3.764  6.502   4.625   1.00 0.13 ? 4  DA  A "H4'"  1 
ATOM   116 H "H3'"  . DA  A 1 4  ? -5.120  4.079   3.521   1.00 0.14 ? 4  DA  A "H3'"  1 
ATOM   117 H "H2'"  . DA  A 1 4  ? -3.441  3.239   2.750   1.00 0.13 ? 4  DA  A "H2'"  1 
ATOM   118 H "H2''" . DA  A 1 4  ? -3.190  4.647   1.639   1.00 0.11 ? 4  DA  A "H2''" 1 
ATOM   119 H "H1'"  . DA  A 1 4  ? -1.566  5.524   2.952   1.00 0.09 ? 4  DA  A "H1'"  1 
ATOM   120 H H8     . DA  A 1 4  ? -2.482  2.369   4.501   1.00 0.13 ? 4  DA  A H8     1 
ATOM   121 H H61    . DA  A 1 4  ? 3.464   0.538   3.681   1.00 0.14 ? 4  DA  A H61    1 
ATOM   122 H H62    . DA  A 1 4  ? 1.918   -0.033  4.287   1.00 0.15 ? 4  DA  A H62    1 
ATOM   123 H H2     . DA  A 1 4  ? 2.897   4.773   2.210   1.00 0.10 ? 4  DA  A H2     1 
HETATM 124 P P      . 64T A 1 5  ? -4.751  7.412   2.016   1.00 0.13 ? 5  64T A P      1 
HETATM 125 O OP1    . 64T A 1 5  ? -4.343  8.293   3.134   1.00 0.13 ? 5  64T A OP1    1 
HETATM 126 O OP2    . 64T A 1 5  ? -5.874  7.871   1.170   1.00 0.15 ? 5  64T A OP2    1 
HETATM 127 O "O5'"  . 64T A 1 5  ? -3.470  7.152   1.069   1.00 0.11 ? 5  64T A "O5'"  1 
HETATM 128 C "C5'"  . 64T A 1 5  ? -2.295  7.997   1.012   1.00 0.11 ? 5  64T A "C5'"  1 
HETATM 129 C "C4'"  . 64T A 1 5  ? -1.230  7.542   -0.002  1.00 0.11 ? 5  64T A "C4'"  1 
HETATM 130 O "O4'"  . 64T A 1 5  ? -0.510  6.317   0.488   1.00 0.12 ? 5  64T A "O4'"  1 
HETATM 131 C "C3'"  . 64T A 1 5  ? -1.863  7.177   -1.358  1.00 0.11 ? 5  64T A "C3'"  1 
HETATM 132 O "O3'"  . 64T A 1 5  ? -1.301  7.761   -2.584  1.00 0.12 ? 5  64T A "O3'"  1 
HETATM 133 C "C2'"  . 64T A 1 5  ? -1.619  5.769   -1.341  1.00 0.11 ? 5  64T A "C2'"  1 
HETATM 134 C "C1'"  . 64T A 1 5  ? -0.367  5.415   -0.610  1.00 0.12 ? 5  64T A "C1'"  1 
HETATM 135 N N1     . 64T A 1 5  ? -0.445  3.924   -0.278  1.00 0.13 ? 5  64T A N1     1 
HETATM 136 C C2     . 64T A 1 5  ? 0.839   3.375   0.011   1.00 0.15 ? 5  64T A C2     1 
HETATM 137 O O2     . 64T A 1 5  ? 1.896   4.007   -0.042  1.00 0.16 ? 5  64T A O2     1 
HETATM 138 N N3     . 64T A 1 5  ? 0.857   1.971   0.195   1.00 0.16 ? 5  64T A N3     1 
HETATM 139 C C4     . 64T A 1 5  ? -0.175  1.033   -0.084  1.00 0.16 ? 5  64T A C4     1 
HETATM 140 O O4     . 64T A 1 5  ? 0.031   -0.135  0.263   1.00 0.17 ? 5  64T A O4     1 
HETATM 141 C C5     . 64T A 1 5  ? -1.512  1.640   -0.423  1.00 0.15 ? 5  64T A C5     1 
HETATM 142 C C5M    . 64T A 1 5  ? -2.421  2.018   0.786   1.00 0.13 ? 5  64T A C5M    1 
HETATM 143 O O5     . 64T A 1 5  ? -2.355  0.833   -1.240  1.00 0.17 ? 5  64T A O5     1 
HETATM 144 C C6     . 64T A 1 5  ? -1.308  3.097   -1.104  1.00 0.13 ? 5  64T A C6     1 
HETATM 145 H "H5'"  . 64T A 1 5  ? -1.826  8.063   2.019   1.00 0.12 ? 5  64T A "H5'"  1 
HETATM 146 H "H5''" . 64T A 1 5  ? -2.609  9.025   0.719   1.00 0.11 ? 5  64T A "H5''" 1 
HETATM 147 H "H4'"  . 64T A 1 5  ? -0.538  8.404   -0.120  1.00 0.12 ? 5  64T A "H4'"  1 
HETATM 148 H "H3'"  . 64T A 1 5  ? -2.959  6.941   -1.380  1.00 0.11 ? 5  64T A "H3'"  1 
HETATM 149 H "H2'"  . 64T A 1 5  ? -2.392  5.401   -0.616  1.00 0.11 ? 5  64T A "H2'"  1 
HETATM 150 H "H2''" . 64T A 1 5  ? -1.759  5.410   -2.366  1.00 0.12 ? 5  64T A "H2''" 1 
HETATM 151 H "H1'"  . 64T A 1 5  ? 0.630   5.665   -1.094  1.00 0.13 ? 5  64T A "H1'"  1 
HETATM 152 H H3     . 64T A 1 5  ? 1.799   1.570   0.152   1.00 0.18 ? 5  64T A H3     1 
HETATM 153 H H71    . 64T A 1 5  ? -2.804  1.256   1.456   1.00 0.14 ? 5  64T A H71    1 
HETATM 154 H H72    . 64T A 1 5  ? -1.891  2.758   1.401   1.00 0.13 ? 5  64T A H72    1 
HETATM 155 H H73    . 64T A 1 5  ? -3.331  2.587   0.465   1.00 0.13 ? 5  64T A H73    1 
HETATM 156 H HO5    . 64T A 1 5  ? -1.965  -0.029  -1.459  1.00 0.12 ? 5  64T A HO5    1 
HETATM 157 H H61    . 64T A 1 5  ? -2.362  3.460   -1.137  1.00 0.13 ? 5  64T A H61    1 
ATOM   158 P P      . DT  A 1 6  ? -1.840  7.688   -4.133  1.00 0.12 ? 6  DT  A P      1 
ATOM   159 O OP1    . DT  A 1 6  ? -1.701  9.028   -4.747  1.00 0.13 ? 6  DT  A OP1    1 
ATOM   160 O OP2    . DT  A 1 6  ? -3.189  7.076   -4.101  1.00 0.12 ? 6  DT  A OP2    1 
ATOM   161 O "O5'"  . DT  A 1 6  ? -0.866  6.648   -4.945  1.00 0.13 ? 6  DT  A "O5'"  1 
ATOM   162 C "C5'"  . DT  A 1 6  ? 0.260   6.892   -5.848  1.00 0.15 ? 6  DT  A "C5'"  1 
ATOM   163 C "C4'"  . DT  A 1 6  ? 0.444   5.957   -7.106  1.00 0.16 ? 6  DT  A "C4'"  1 
ATOM   164 O "O4'"  . DT  A 1 6  ? 0.910   4.636   -6.752  1.00 0.16 ? 6  DT  A "O4'"  1 
ATOM   165 C "C3'"  . DT  A 1 6  ? -0.790  5.712   -7.982  1.00 0.17 ? 6  DT  A "C3'"  1 
ATOM   166 O "O3'"  . DT  A 1 6  ? -0.444  5.592   -9.381  1.00 0.17 ? 6  DT  A "O3'"  1 
ATOM   167 C "C2'"  . DT  A 1 6  ? -1.337  4.391   -7.462  1.00 0.16 ? 6  DT  A "C2'"  1 
ATOM   168 C "C1'"  . DT  A 1 6  ? -0.160  3.698   -6.735  1.00 0.16 ? 6  DT  A "C1'"  1 
ATOM   169 N N1     . DT  A 1 6  ? -0.371  3.454   -5.281  1.00 0.15 ? 6  DT  A N1     1 
ATOM   170 C C2     . DT  A 1 6  ? 0.696   3.198   -4.340  1.00 0.14 ? 6  DT  A C2     1 
ATOM   171 O O2     . DT  A 1 6  ? 1.886   3.072   -4.642  1.00 0.14 ? 6  DT  A O2     1 
ATOM   172 N N3     . DT  A 1 6  ? 0.332   3.053   -3.021  1.00 0.14 ? 6  DT  A N3     1 
ATOM   173 C C4     . DT  A 1 6  ? -0.979  3.176   -2.660  1.00 0.14 ? 6  DT  A C4     1 
ATOM   174 C C5     . DT  A 1 6  ? -1.986  3.435   -3.547  1.00 0.15 ? 6  DT  A C5     1 
ATOM   175 C C7     . DT  A 1 6  ? -3.479  3.650   -3.461  1.00 0.15 ? 6  DT  A C7     1 
ATOM   176 C C6     . DT  A 1 6  ? -1.637  3.567   -4.791  1.00 0.15 ? 6  DT  A C6     1 
ATOM   177 H "H5'"  . DT  A 1 6  ? 1.200   6.824   -5.259  1.00 0.17 ? 6  DT  A "H5'"  1 
ATOM   178 H "H5''" . DT  A 1 6  ? 0.191   7.935   -6.231  1.00 0.16 ? 6  DT  A "H5''" 1 
ATOM   179 H "H4'"  . DT  A 1 6  ? 1.318   6.343   -7.686  1.00 0.17 ? 6  DT  A "H4'"  1 
ATOM   180 H "H3'"  . DT  A 1 6  ? -1.530  6.529   -7.804  1.00 0.17 ? 6  DT  A "H3'"  1 
ATOM   181 H "H2'"  . DT  A 1 6  ? -2.013  4.665   -6.704  1.00 0.15 ? 6  DT  A "H2'"  1 
ATOM   182 H "H2''" . DT  A 1 6  ? -2.144  3.837   -7.996  1.00 0.19 ? 6  DT  A "H2''" 1 
ATOM   183 H "H1'"  . DT  A 1 6  ? 0.173   2.921   -7.377  1.00 0.17 ? 6  DT  A "H1'"  1 
ATOM   184 H H71    . DT  A 1 6  ? -3.984  3.528   -2.503  1.00 0.15 ? 6  DT  A H71    1 
ATOM   185 H H72    . DT  A 1 6  ? -3.684  4.672   -3.893  1.00 0.16 ? 6  DT  A H72    1 
ATOM   186 H H73    . DT  A 1 6  ? -3.969  2.993   -4.234  1.00 0.16 ? 6  DT  A H73    1 
ATOM   187 H H6     . DT  A 1 6  ? -2.535  3.776   -5.342  1.00 0.16 ? 6  DT  A H6     1 
ATOM   188 P P      . DA  A 1 7  ? -1.186  4.901   -10.639 1.00 0.15 ? 7  DA  A P      1 
ATOM   189 O OP1    . DA  A 1 7  ? -0.846  5.676   -11.852 1.00 0.19 ? 7  DA  A OP1    1 
ATOM   190 O OP2    . DA  A 1 7  ? -2.624  4.729   -10.329 1.00 0.18 ? 7  DA  A OP2    1 
ATOM   191 O "O5'"  . DA  A 1 7  ? -0.503  3.440   -10.738 1.00 0.11 ? 7  DA  A "O5'"  1 
ATOM   192 C "C5'"  . DA  A 1 7  ? 0.785   3.077   -11.282 1.00 0.11 ? 7  DA  A "C5'"  1 
ATOM   193 C "C4'"  . DA  A 1 7  ? 0.994   1.564   -11.505 1.00 0.10 ? 7  DA  A "C4'"  1 
ATOM   194 O "O4'"  . DA  A 1 7  ? 0.946   0.800   -10.269 1.00 0.11 ? 7  DA  A "O4'"  1 
ATOM   195 C "C3'"  . DA  A 1 7  ? 0.080   0.884   -12.472 1.00 0.10 ? 7  DA  A "C3'"  1 
ATOM   196 O "O3'"  . DA  A 1 7  ? 0.800   0.035   -13.402 1.00 0.13 ? 7  DA  A "O3'"  1 
ATOM   197 C "C2'"  . DA  A 1 7  ? -0.865  0.155   -11.606 1.00 0.10 ? 7  DA  A "C2'"  1 
ATOM   198 C "C1'"  . DA  A 1 7  ? -0.081  -0.181  -10.352 1.00 0.10 ? 7  DA  A "C1'"  1 
ATOM   199 N N9     . DA  A 1 7  ? -0.836  -0.013  -9.128  1.00 0.10 ? 7  DA  A N9     1 
ATOM   200 C C8     . DA  A 1 7  ? -1.564  1.054   -8.872  1.00 0.10 ? 7  DA  A C8     1 
ATOM   201 N N7     . DA  A 1 7  ? -2.186  1.070   -7.714  1.00 0.11 ? 7  DA  A N7     1 
ATOM   202 C C5     . DA  A 1 7  ? -1.793  -0.131  -7.166  1.00 0.11 ? 7  DA  A C5     1 
ATOM   203 C C6     . DA  A 1 7  ? -2.103  -0.731  -5.931  1.00 0.11 ? 7  DA  A C6     1 
ATOM   204 N N6     . DA  A 1 7  ? -2.907  -0.168  -4.993  1.00 0.12 ? 7  DA  A N6     1 
ATOM   205 N N1     . DA  A 1 7  ? -1.541  -1.928  -5.724  1.00 0.11 ? 7  DA  A N1     1 
ATOM   206 C C2     . DA  A 1 7  ? -0.741  -2.507  -6.631  1.00 0.11 ? 7  DA  A C2     1 
ATOM   207 N N3     . DA  A 1 7  ? -0.384  -2.031  -7.806  1.00 0.11 ? 7  DA  A N3     1 
ATOM   208 C C4     . DA  A 1 7  ? -0.951  -0.826  -8.022  1.00 0.10 ? 7  DA  A C4     1 
ATOM   209 H "H5'"  . DA  A 1 7  ? 1.579   3.440   -10.595 1.00 0.13 ? 7  DA  A "H5'"  1 
ATOM   210 H "H5''" . DA  A 1 7  ? 0.921   3.583   -12.266 1.00 0.13 ? 7  DA  A "H5''" 1 
ATOM   211 H "H4'"  . DA  A 1 7  ? 1.969   1.386   -11.930 1.00 0.10 ? 7  DA  A "H4'"  1 
ATOM   212 H "H3'"  . DA  A 1 7  ? -0.577  1.547   -12.995 1.00 0.11 ? 7  DA  A "H3'"  1 
ATOM   213 H "H2'"  . DA  A 1 7  ? -1.874  0.582   -11.561 1.00 0.09 ? 7  DA  A "H2'"  1 
ATOM   214 H "H2''" . DA  A 1 7  ? -1.115  -0.683  -12.149 1.00 0.12 ? 7  DA  A "H2''" 1 
ATOM   215 H "H1'"  . DA  A 1 7  ? 0.380   -1.174  -10.402 1.00 0.10 ? 7  DA  A "H1'"  1 
ATOM   216 H H8     . DA  A 1 7  ? -1.497  1.706   -9.722  1.00 0.10 ? 7  DA  A H8     1 
ATOM   217 H H61    . DA  A 1 7  ? -3.068  -0.688  -4.146  1.00 0.12 ? 7  DA  A H61    1 
ATOM   218 H H62    . DA  A 1 7  ? -3.320  0.724   -5.166  1.00 0.13 ? 7  DA  A H62    1 
ATOM   219 H H2     . DA  A 1 7  ? -0.330  -3.506  -6.406  1.00 0.12 ? 7  DA  A H2     1 
ATOM   220 P P      . DC  A 1 8  ? 0.273   -1.052  -14.464 1.00 0.18 ? 8  DC  A P      1 
ATOM   221 O OP1    . DC  A 1 8  ? 1.388   -1.410  -15.365 1.00 0.19 ? 8  DC  A OP1    1 
ATOM   222 O OP2    . DC  A 1 8  ? -0.976  -0.545  -15.073 1.00 0.19 ? 8  DC  A OP2    1 
ATOM   223 O "O5'"  . DC  A 1 8  ? -0.055  -2.318  -13.520 1.00 0.19 ? 8  DC  A "O5'"  1 
ATOM   224 C "C5'"  . DC  A 1 8  ? 0.919   -3.038  -12.733 1.00 0.19 ? 8  DC  A "C5'"  1 
ATOM   225 C "C4'"  . DC  A 1 8  ? 0.310   -4.126  -11.849 1.00 0.21 ? 8  DC  A "C4'"  1 
ATOM   226 O "O4'"  . DC  A 1 8  ? -0.272  -3.641  -10.620 1.00 0.19 ? 8  DC  A "O4'"  1 
ATOM   227 C "C3'"  . DC  A 1 8  ? -0.693  -5.009  -12.485 1.00 0.23 ? 8  DC  A "C3'"  1 
ATOM   228 O "O3'"  . DC  A 1 8  ? -0.306  -6.410  -12.513 1.00 0.28 ? 8  DC  A "O3'"  1 
ATOM   229 C "C2'"  . DC  A 1 8  ? -1.931  -4.737  -11.747 1.00 0.19 ? 8  DC  A "C2'"  1 
ATOM   230 C "C1'"  . DC  A 1 8  ? -1.395  -4.465  -10.359 1.00 0.17 ? 8  DC  A "C1'"  1 
ATOM   231 N N1     . DC  A 1 8  ? -2.325  -3.724  -9.526  1.00 0.14 ? 8  DC  A N1     1 
ATOM   232 C C2     . DC  A 1 8  ? -2.730  -4.174  -8.234  1.00 0.13 ? 8  DC  A C2     1 
ATOM   233 O O2     . DC  A 1 8  ? -2.303  -5.233  -7.749  1.00 0.14 ? 8  DC  A O2     1 
ATOM   234 N N3     . DC  A 1 8  ? -3.620  -3.399  -7.517  1.00 0.11 ? 8  DC  A N3     1 
ATOM   235 C C4     . DC  A 1 8  ? -4.090  -2.250  -8.045  1.00 0.11 ? 8  DC  A C4     1 
ATOM   236 N N4     . DC  A 1 8  ? -4.958  -1.498  -7.331  1.00 0.11 ? 8  DC  A N4     1 
ATOM   237 C C5     . DC  A 1 8  ? -3.655  -1.823  -9.361  1.00 0.12 ? 8  DC  A C5     1 
ATOM   238 C C6     . DC  A 1 8  ? -2.801  -2.579  -10.022 1.00 0.14 ? 8  DC  A C6     1 
ATOM   239 H "H5'"  . DC  A 1 8  ? 1.497   -2.335  -12.093 1.00 0.18 ? 8  DC  A "H5'"  1 
ATOM   240 H "H5''" . DC  A 1 8  ? 1.629   -3.540  -13.427 1.00 0.20 ? 8  DC  A "H5''" 1 
ATOM   241 H "H4'"  . DC  A 1 8  ? 1.028   -4.817  -11.515 1.00 0.22 ? 8  DC  A "H4'"  1 
ATOM   242 H "H3'"  . DC  A 1 8  ? -0.983  -4.637  -13.424 1.00 0.24 ? 8  DC  A "H3'"  1 
ATOM   243 H "H2'"  . DC  A 1 8  ? -2.617  -4.044  -12.276 1.00 0.19 ? 8  DC  A "H2'"  1 
ATOM   244 H "H2''" . DC  A 1 8  ? -2.446  -5.609  -11.864 1.00 0.19 ? 8  DC  A "H2''" 1 
ATOM   245 H "H1'"  . DC  A 1 8  ? -1.117  -5.426  -9.896  1.00 0.17 ? 8  DC  A "H1'"  1 
ATOM   246 H H41    . DC  A 1 8  ? -5.220  -1.858  -6.428  1.00 0.11 ? 8  DC  A H41    1 
ATOM   247 H H42    . DC  A 1 8  ? -5.317  -0.645  -7.700  1.00 0.12 ? 8  DC  A H42    1 
ATOM   248 H H5     . DC  A 1 8  ? -3.910  -0.961  -9.937  1.00 0.13 ? 8  DC  A H5     1 
ATOM   249 H H6     . DC  A 1 8  ? -2.378  -2.361  -10.998 1.00 0.15 ? 8  DC  A H6     1 
ATOM   250 P P      . DG  A 1 9  ? -0.854  -7.637  -13.404 1.00 0.32 ? 9  DG  A P      1 
ATOM   251 O OP1    . DG  A 1 9  ? 0.284   -8.490  -13.828 1.00 0.39 ? 9  DG  A OP1    1 
ATOM   252 O OP2    . DG  A 1 9  ? -1.743  -7.097  -14.458 1.00 0.34 ? 9  DG  A OP2    1 
ATOM   253 O "O5'"  . DG  A 1 9  ? -1.741  -8.442  -12.326 1.00 0.29 ? 9  DG  A "O5'"  1 
ATOM   254 C "C5'"  . DG  A 1 9  ? -1.212  -9.342  -11.321 1.00 0.28 ? 9  DG  A "C5'"  1 
ATOM   255 C "C4'"  . DG  A 1 9  ? -2.252  -9.756  -10.272 1.00 0.24 ? 9  DG  A "C4'"  1 
ATOM   256 O "O4'"  . DG  A 1 9  ? -2.680  -8.596  -9.507  1.00 0.20 ? 9  DG  A "O4'"  1 
ATOM   257 C "C3'"  . DG  A 1 9  ? -3.524  -10.318 -10.904 1.00 0.24 ? 9  DG  A "C3'"  1 
ATOM   258 O "O3'"  . DG  A 1 9  ? -3.790  -11.684 -10.505 1.00 0.25 ? 9  DG  A "O3'"  1 
ATOM   259 C "C2'"  . DG  A 1 9  ? -4.604  -9.361  -10.501 1.00 0.21 ? 9  DG  A "C2'"  1 
ATOM   260 C "C1'"  . DG  A 1 9  ? -4.054  -8.765  -9.245  1.00 0.18 ? 9  DG  A "C1'"  1 
ATOM   261 N N9     . DG  A 1 9  ? -4.648  -7.473  -8.980  1.00 0.16 ? 9  DG  A N9     1 
ATOM   262 C C8     . DG  A 1 9  ? -4.609  -6.486  -9.845  1.00 0.17 ? 9  DG  A C8     1 
ATOM   263 N N7     . DG  A 1 9  ? -5.210  -5.378  -9.476  1.00 0.16 ? 9  DG  A N7     1 
ATOM   264 C C5     . DG  A 1 9  ? -5.677  -5.694  -8.213  1.00 0.14 ? 9  DG  A C5     1 
ATOM   265 C C6     . DG  A 1 9  ? -6.400  -4.914  -7.293  1.00 0.13 ? 9  DG  A C6     1 
ATOM   266 O O6     . DG  A 1 9  ? -6.771  -3.745  -7.437  1.00 0.15 ? 9  DG  A O6     1 
ATOM   267 N N1     . DG  A 1 9  ? -6.688  -5.638  -6.134  1.00 0.12 ? 9  DG  A N1     1 
ATOM   268 C C2     . DG  A 1 9  ? -6.326  -6.949  -5.866  1.00 0.11 ? 9  DG  A C2     1 
ATOM   269 N N2     . DG  A 1 9  ? -6.711  -7.406  -4.674  1.00 0.12 ? 9  DG  A N2     1 
ATOM   270 N N3     . DG  A 1 9  ? -5.637  -7.673  -6.753  1.00 0.12 ? 9  DG  A N3     1 
ATOM   271 C C4     . DG  A 1 9  ? -5.343  -7.007  -7.886  1.00 0.13 ? 9  DG  A C4     1 
ATOM   272 H "H5'"  . DG  A 1 9  ? -0.354  -8.866  -10.796 1.00 0.29 ? 9  DG  A "H5'"  1 
ATOM   273 H "H5''" . DG  A 1 9  ? -0.839  -10.262 -11.822 1.00 0.30 ? 9  DG  A "H5''" 1 
ATOM   274 H "H4'"  . DG  A 1 9  ? -1.820  -10.482 -9.553  1.00 0.25 ? 9  DG  A "H4'"  1 
ATOM   275 H "H3'"  . DG  A 1 9  ? -3.510  -10.174 -11.996 1.00 0.28 ? 9  DG  A "H3'"  1 
ATOM   276 H "H2'"  . DG  A 1 9  ? -4.801  -8.719  -11.368 1.00 0.23 ? 9  DG  A "H2'"  1 
ATOM   277 H "H2''" . DG  A 1 9  ? -5.570  -9.741  -10.254 1.00 0.20 ? 9  DG  A "H2''" 1 
ATOM   278 H "H1'"  . DG  A 1 9  ? -4.189  -9.468  -8.427  1.00 0.17 ? 9  DG  A "H1'"  1 
ATOM   279 H H8     . DG  A 1 9  ? -4.067  -6.831  -10.716 1.00 0.19 ? 9  DG  A H8     1 
ATOM   280 H H1     . DG  A 1 9  ? -7.178  -5.088  -5.449  1.00 0.13 ? 9  DG  A H1     1 
ATOM   281 H H21    . DG  A 1 9  ? -7.228  -6.837  -4.016  1.00 0.12 ? 9  DG  A H21    1 
ATOM   282 H H22    . DG  A 1 9  ? -6.449  -8.353  -4.527  1.00 0.12 ? 9  DG  A H22    1 
ATOM   283 P P      . DC  A 1 10 ? -5.148  -12.544 -10.339 1.00 0.25 ? 10 DC  A P      1 
ATOM   284 O OP1    . DC  A 1 10 ? -4.794  -13.958 -10.086 1.00 0.27 ? 10 DC  A OP1    1 
ATOM   285 O OP2    . DC  A 1 10 ? -6.061  -12.261 -11.468 1.00 0.27 ? 10 DC  A OP2    1 
ATOM   286 O "O5'"  . DC  A 1 10 ? -5.803  -11.952 -8.987  1.00 0.21 ? 10 DC  A "O5'"  1 
ATOM   287 C "C5'"  . DC  A 1 10 ? -5.598  -12.328 -7.603  1.00 0.19 ? 10 DC  A "C5'"  1 
ATOM   288 C "C4'"  . DC  A 1 10 ? -6.879  -12.184 -6.758  1.00 0.16 ? 10 DC  A "C4'"  1 
ATOM   289 O "O4'"  . DC  A 1 10 ? -7.204  -10.783 -6.564  1.00 0.13 ? 10 DC  A "O4'"  1 
ATOM   290 C "C3'"  . DC  A 1 10 ? -8.079  -12.830 -7.426  1.00 0.19 ? 10 DC  A "C3'"  1 
ATOM   291 O "O3'"  . DC  A 1 10 ? -8.813  -13.713 -6.587  1.00 0.21 ? 10 DC  A "O3'"  1 
ATOM   292 C "C2'"  . DC  A 1 10 ? -8.921  -11.672 -7.871  1.00 0.17 ? 10 DC  A "C2'"  1 
ATOM   293 C "C1'"  . DC  A 1 10 ? -8.563  -10.584 -6.895  1.00 0.14 ? 10 DC  A "C1'"  1 
ATOM   294 N N1     . DC  A 1 10 ? -8.761  -9.211  -7.409  1.00 0.13 ? 10 DC  A N1     1 
ATOM   295 C C2     . DC  A 1 10 ? -9.668  -8.277  -6.806  1.00 0.13 ? 10 DC  A C2     1 
ATOM   296 O O2     . DC  A 1 10 ? -10.354 -8.565  -5.809  1.00 0.12 ? 10 DC  A O2     1 
ATOM   297 N N3     . DC  A 1 10 ? -9.771  -7.018  -7.365  1.00 0.15 ? 10 DC  A N3     1 
ATOM   298 C C4     . DC  A 1 10 ? -9.037  -6.688  -8.448  1.00 0.16 ? 10 DC  A C4     1 
ATOM   299 N N4     . DC  A 1 10 ? -9.138  -5.466  -9.005  1.00 0.18 ? 10 DC  A N4     1 
ATOM   300 C C5     . DC  A 1 10 ? -8.137  -7.625  -9.046  1.00 0.16 ? 10 DC  A C5     1 
ATOM   301 C C6     . DC  A 1 10 ? -8.043  -8.838  -8.498  1.00 0.15 ? 10 DC  A C6     1 
ATOM   302 H "H5'"  . DC  A 1 10 ? -4.798  -11.692 -7.164  1.00 0.18 ? 10 DC  A "H5'"  1 
ATOM   303 H "H5''" . DC  A 1 10 ? -5.262  -13.388 -7.551  1.00 0.22 ? 10 DC  A "H5''" 1 
ATOM   304 H "H4'"  . DC  A 1 10 ? -6.772  -12.588 -5.748  1.00 0.17 ? 10 DC  A "H4'"  1 
ATOM   305 H "H3'"  . DC  A 1 10 ? -7.725  -13.342 -8.332  1.00 0.21 ? 10 DC  A "H3'"  1 
ATOM   306 H "HO3'" . DC  A 1 10 ? -9.482  -13.172 -6.166  1.00 0.61 ? 10 DC  A "HO3'" 1 
ATOM   307 H "H2'"  . DC  A 1 10 ? -8.702  -11.621 -8.930  1.00 0.19 ? 10 DC  A "H2'"  1 
ATOM   308 H "H2''" . DC  A 1 10 ? -9.989  -11.669 -7.889  1.00 0.18 ? 10 DC  A "H2''" 1 
ATOM   309 H "H1'"  . DC  A 1 10 ? -9.137  -10.835 -6.004  1.00 0.13 ? 10 DC  A "H1'"  1 
ATOM   310 H H41    . DC  A 1 10 ? -9.763  -4.785  -8.600  1.00 0.19 ? 10 DC  A H41    1 
ATOM   311 H H42    . DC  A 1 10 ? -8.560  -5.259  -9.787  1.00 0.19 ? 10 DC  A H42    1 
ATOM   312 H H5     . DC  A 1 10 ? -7.552  -7.341  -9.911  1.00 0.18 ? 10 DC  A H5     1 
ATOM   313 H H6     . DC  A 1 10 ? -7.415  -9.661  -8.811  1.00 0.16 ? 10 DC  A H6     1 
ATOM   314 O "O5'"  . DG  B 2 1  ? -16.527 1.217   -4.069  1.00 0.39 ? 11 DG  B "O5'"  1 
ATOM   315 C "C5'"  . DG  B 2 1  ? -15.607 1.382   -2.999  1.00 0.36 ? 11 DG  B "C5'"  1 
ATOM   316 C "C4'"  . DG  B 2 1  ? -15.362 0.018   -2.340  1.00 0.31 ? 11 DG  B "C4'"  1 
ATOM   317 O "O4'"  . DG  B 2 1  ? -14.990 -0.976  -3.348  1.00 0.28 ? 11 DG  B "O4'"  1 
ATOM   318 C "C3'"  . DG  B 2 1  ? -14.216 0.071   -1.382  1.00 0.28 ? 11 DG  B "C3'"  1 
ATOM   319 O "O3'"  . DG  B 2 1  ? -14.408 -0.854  -0.285  1.00 0.26 ? 11 DG  B "O3'"  1 
ATOM   320 C "C2'"  . DG  B 2 1  ? -13.035 -0.338  -2.224  1.00 0.26 ? 11 DG  B "C2'"  1 
ATOM   321 C "C1'"  . DG  B 2 1  ? -13.670 -1.426  -3.077  1.00 0.24 ? 11 DG  B "C1'"  1 
ATOM   322 N N9     . DG  B 2 1  ? -13.070 -1.729  -4.399  1.00 0.24 ? 11 DG  B N9     1 
ATOM   323 C C8     . DG  B 2 1  ? -12.935 -0.897  -5.465  1.00 0.29 ? 11 DG  B C8     1 
ATOM   324 N N7     . DG  B 2 1  ? -12.365 -1.438  -6.520  1.00 0.29 ? 11 DG  B N7     1 
ATOM   325 C C5     . DG  B 2 1  ? -12.115 -2.741  -6.135  1.00 0.24 ? 11 DG  B C5     1 
ATOM   326 C C6     . DG  B 2 1  ? -11.518 -3.800  -6.859  1.00 0.22 ? 11 DG  B C6     1 
ATOM   327 O O6     . DG  B 2 1  ? -11.093 -3.745  -8.018  1.00 0.25 ? 11 DG  B O6     1 
ATOM   328 N N1     . DG  B 2 1  ? -11.440 -4.977  -6.088  1.00 0.17 ? 11 DG  B N1     1 
ATOM   329 C C2     . DG  B 2 1  ? -11.884 -5.122  -4.786  1.00 0.15 ? 11 DG  B C2     1 
ATOM   330 N N2     . DG  B 2 1  ? -11.693 -6.353  -4.290  1.00 0.13 ? 11 DG  B N2     1 
ATOM   331 N N3     . DG  B 2 1  ? -12.456 -4.107  -4.121  1.00 0.17 ? 11 DG  B N3     1 
ATOM   332 C C4     . DG  B 2 1  ? -12.545 -2.955  -4.826  1.00 0.21 ? 11 DG  B C4     1 
ATOM   333 H "H5'"  . DG  B 2 1  ? -16.010 2.111   -2.261  1.00 0.38 ? 11 DG  B "H5'"  1 
ATOM   334 H "H5''" . DG  B 2 1  ? -14.654 1.778   -3.413  1.00 0.36 ? 11 DG  B "H5''" 1 
ATOM   335 H "H4'"  . DG  B 2 1  ? -16.237 -0.342  -1.786  1.00 0.31 ? 11 DG  B "H4'"  1 
ATOM   336 H "H3'"  . DG  B 2 1  ? -14.088 1.080   -0.993  1.00 0.31 ? 11 DG  B "H3'"  1 
ATOM   337 H "H2'"  . DG  B 2 1  ? -12.496 0.396   -2.815  1.00 0.28 ? 11 DG  B "H2'"  1 
ATOM   338 H "H2''" . DG  B 2 1  ? -12.325 -0.602  -1.454  1.00 0.25 ? 11 DG  B "H2''" 1 
ATOM   339 H "H1'"  . DG  B 2 1  ? -13.702 -2.287  -2.400  1.00 0.21 ? 11 DG  B "H1'"  1 
ATOM   340 H H8     . DG  B 2 1  ? -13.292 0.127   -5.361  1.00 0.33 ? 11 DG  B H8     1 
ATOM   341 H H1     . DG  B 2 1  ? -11.016 -5.777  -6.545  1.00 0.16 ? 11 DG  B H1     1 
ATOM   342 H H21    . DG  B 2 1  ? -11.259 -7.086  -4.828  1.00 0.13 ? 11 DG  B H21    1 
ATOM   343 H H22    . DG  B 2 1  ? -11.998 -6.464  -3.349  1.00 0.13 ? 11 DG  B H22    1 
ATOM   344 H "HO5'" . DG  B 2 1  ? -16.315 0.302   -4.294  1.00 0.37 ? 11 DG  B "HO5'" 1 
ATOM   345 P P      . DC  B 2 2  ? -13.495 -0.993  1.036   1.00 0.25 ? 12 DC  B P      1 
ATOM   346 O OP1    . DC  B 2 2  ? -14.342 -1.522  2.127   1.00 0.27 ? 12 DC  B OP1    1 
ATOM   347 O OP2    . DC  B 2 2  ? -12.820 0.303   1.263   1.00 0.28 ? 12 DC  B OP2    1 
ATOM   348 O "O5'"  . DC  B 2 2  ? -12.410 -2.116  0.626   1.00 0.21 ? 12 DC  B "O5'"  1 
ATOM   349 C "C5'"  . DC  B 2 2  ? -12.542 -3.509  1.009   1.00 0.16 ? 12 DC  B "C5'"  1 
ATOM   350 C "C4'"  . DC  B 2 2  ? -11.316 -4.376  0.697   1.00 0.17 ? 12 DC  B "C4'"  1 
ATOM   351 O "O4'"  . DC  B 2 2  ? -11.186 -4.620  -0.722  1.00 0.13 ? 12 DC  B "O4'"  1 
ATOM   352 C "C3'"  . DC  B 2 2  ? -9.990  -3.807  1.164   1.00 0.24 ? 12 DC  B "C3'"  1 
ATOM   353 O "O3'"  . DC  B 2 2  ? -9.240  -4.712  1.995   1.00 0.31 ? 12 DC  B "O3'"  1 
ATOM   354 C "C2'"  . DC  B 2 2  ? -9.249  -3.508  -0.091  1.00 0.22 ? 12 DC  B "C2'"  1 
ATOM   355 C "C1'"  . DC  B 2 2  ? -9.806  -4.554  -1.001  1.00 0.15 ? 12 DC  B "C1'"  1 
ATOM   356 N N1     . DC  B 2 2  ? -9.535  -4.059  -2.325  1.00 0.13 ? 12 DC  B N1     1 
ATOM   357 C C2     . DC  B 2 2  ? -8.646  -4.714  -3.213  1.00 0.12 ? 12 DC  B C2     1 
ATOM   358 O O2     . DC  B 2 2  ? -8.100  -5.789  -2.918  1.00 0.11 ? 12 DC  B O2     1 
ATOM   359 N N3     . DC  B 2 2  ? -8.419  -4.134  -4.442  1.00 0.14 ? 12 DC  B N3     1 
ATOM   360 C C4     . DC  B 2 2  ? -9.006  -2.964  -4.756  1.00 0.18 ? 12 DC  B C4     1 
ATOM   361 N N4     . DC  B 2 2  ? -8.775  -2.399  -5.953  1.00 0.22 ? 12 DC  B N4     1 
ATOM   362 C C5     . DC  B 2 2  ? -9.880  -2.311  -3.819  1.00 0.19 ? 12 DC  B C5     1 
ATOM   363 C C6     . DC  B 2 2  ? -10.102 -2.881  -2.654  1.00 0.17 ? 12 DC  B C6     1 
ATOM   364 H "H5'"  . DC  B 2 2  ? -13.428 -3.953  0.505   1.00 0.13 ? 12 DC  B "H5'"  1 
ATOM   365 H "H5''" . DC  B 2 2  ? -12.706 -3.569  2.110   1.00 0.20 ? 12 DC  B "H5''" 1 
ATOM   366 H "H4'"  . DC  B 2 2  ? -11.425 -5.350  1.157   1.00 0.19 ? 12 DC  B "H4'"  1 
ATOM   367 H "H3'"  . DC  B 2 2  ? -10.231 -2.866  1.645   1.00 0.27 ? 12 DC  B "H3'"  1 
ATOM   368 H "H2'"  . DC  B 2 2  ? -9.353  -2.449  -0.366  1.00 0.23 ? 12 DC  B "H2'"  1 
ATOM   369 H "H2''" . DC  B 2 2  ? -8.183  -3.634  -0.182  1.00 0.25 ? 12 DC  B "H2''" 1 
ATOM   370 H "H1'"  . DC  B 2 2  ? -9.310  -5.486  -0.714  1.00 0.17 ? 12 DC  B "H1'"  1 
ATOM   371 H H41    . DC  B 2 2  ? -8.160  -2.881  -6.588  1.00 0.21 ? 12 DC  B H41    1 
ATOM   372 H H42    . DC  B 2 2  ? -9.249  -1.553  -6.169  1.00 0.26 ? 12 DC  B H42    1 
ATOM   373 H H5     . DC  B 2 2  ? -10.417 -1.401  -3.924  1.00 0.23 ? 12 DC  B H5     1 
ATOM   374 H H6     . DC  B 2 2  ? -10.763 -2.472  -1.878  1.00 0.18 ? 12 DC  B H6     1 
ATOM   375 P P      . DG  B 2 3  ? -7.896  -4.455  2.837   1.00 0.48 ? 13 DG  B P      1 
ATOM   376 O OP1    . DG  B 2 3  ? -8.226  -4.367  4.278   1.00 0.84 ? 13 DG  B OP1    1 
ATOM   377 O OP2    . DG  B 2 3  ? -7.129  -3.339  2.229   1.00 0.78 ? 13 DG  B OP2    1 
ATOM   378 O "O5'"  . DG  B 2 3  ? -7.080  -5.804  2.537   1.00 0.27 ? 13 DG  B "O5'"  1 
ATOM   379 C "C5'"  . DG  B 2 3  ? -7.374  -7.167  2.160   1.00 0.26 ? 13 DG  B "C5'"  1 
ATOM   380 C "C4'"  . DG  B 2 3  ? -6.225  -7.814  1.361   1.00 0.20 ? 13 DG  B "C4'"  1 
ATOM   381 O "O4'"  . DG  B 2 3  ? -6.186  -7.309  -0.012  1.00 0.16 ? 13 DG  B "O4'"  1 
ATOM   382 C "C3'"  . DG  B 2 3  ? -4.841  -7.520  1.936   1.00 0.19 ? 13 DG  B "C3'"  1 
ATOM   383 O "O3'"  . DG  B 2 3  ? -3.938  -8.639  1.800   1.00 0.20 ? 13 DG  B "O3'"  1 
ATOM   384 C "C2'"  . DG  B 2 3  ? -4.416  -6.379  1.113   1.00 0.16 ? 13 DG  B "C2'"  1 
ATOM   385 C "C1'"  . DG  B 2 3  ? -4.902  -6.741  -0.260  1.00 0.15 ? 13 DG  B "C1'"  1 
ATOM   386 N N9     . DG  B 2 3  ? -5.137  -5.569  -1.135  1.00 0.15 ? 13 DG  B N9     1 
ATOM   387 C C8     . DG  B 2 3  ? -5.804  -4.444  -0.798  1.00 0.17 ? 13 DG  B C8     1 
ATOM   388 N N7     . DG  B 2 3  ? -5.886  -3.536  -1.752  1.00 0.16 ? 13 DG  B N7     1 
ATOM   389 C C5     . DG  B 2 3  ? -5.223  -4.115  -2.814  1.00 0.13 ? 13 DG  B C5     1 
ATOM   390 C C6     . DG  B 2 3  ? -4.990  -3.615  -4.116  1.00 0.12 ? 13 DG  B C6     1 
ATOM   391 O O6     . DG  B 2 3  ? -5.348  -2.522  -4.573  1.00 0.12 ? 13 DG  B O6     1 
ATOM   392 N N1     . DG  B 2 3  ? -4.259  -4.534  -4.888  1.00 0.11 ? 13 DG  B N1     1 
ATOM   393 C C2     . DG  B 2 3  ? -3.813  -5.781  -4.478  1.00 0.12 ? 13 DG  B C2     1 
ATOM   394 N N2     . DG  B 2 3  ? -3.149  -6.482  -5.403  1.00 0.14 ? 13 DG  B N2     1 
ATOM   395 N N3     . DG  B 2 3  ? -4.052  -6.234  -3.244  1.00 0.13 ? 13 DG  B N3     1 
ATOM   396 C C4     . DG  B 2 3  ? -4.747  -5.380  -2.462  1.00 0.13 ? 13 DG  B C4     1 
ATOM   397 H "H5'"  . DG  B 2 3  ? -8.298  -7.203  1.546   1.00 0.36 ? 13 DG  B "H5'"  1 
ATOM   398 H "H5''" . DG  B 2 3  ? -7.543  -7.765  3.080   1.00 0.45 ? 13 DG  B "H5''" 1 
ATOM   399 H "H4'"  . DG  B 2 3  ? -6.372  -8.904  1.279   1.00 0.24 ? 13 DG  B "H4'"  1 
ATOM   400 H "H3'"  . DG  B 2 3  ? -4.722  -6.973  2.893   1.00 0.18 ? 13 DG  B "H3'"  1 
ATOM   401 H "H2'"  . DG  B 2 3  ? -4.986  -5.500  1.478   1.00 0.17 ? 13 DG  B "H2'"  1 
ATOM   402 H "H2''" . DG  B 2 3  ? -3.353  -6.238  1.307   1.00 0.16 ? 13 DG  B "H2''" 1 
ATOM   403 H "H1'"  . DG  B 2 3  ? -4.237  -7.513  -0.696  1.00 0.15 ? 13 DG  B "H1'"  1 
ATOM   404 H H8     . DG  B 2 3  ? -6.171  -4.405  0.231   1.00 0.20 ? 13 DG  B H8     1 
ATOM   405 H H1     . DG  B 2 3  ? -4.082  -4.233  -5.833  1.00 0.11 ? 13 DG  B H1     1 
ATOM   406 H H21    . DG  B 2 3  ? -2.967  -6.144  -6.336  1.00 0.14 ? 13 DG  B H21    1 
ATOM   407 H H22    . DG  B 2 3  ? -2.839  -7.361  -5.056  1.00 0.15 ? 13 DG  B H22    1 
ATOM   408 P P      . DT  B 2 4  ? -2.454  -8.815  2.378   1.00 0.22 ? 14 DT  B P      1 
ATOM   409 O OP1    . DT  B 2 4  ? -2.207  -10.260 2.580   1.00 0.31 ? 14 DT  B OP1    1 
ATOM   410 O OP2    . DT  B 2 4  ? -2.290  -7.924  3.547   1.00 0.26 ? 14 DT  B OP2    1 
ATOM   411 O "O5'"  . DT  B 2 4  ? -1.521  -8.297  1.174   1.00 0.17 ? 14 DT  B "O5'"  1 
ATOM   412 C "C5'"  . DT  B 2 4  ? -0.986  -9.164  0.148   1.00 0.15 ? 14 DT  B "C5'"  1 
ATOM   413 C "C4'"  . DT  B 2 4  ? -0.263  -8.404  -0.956  1.00 0.15 ? 14 DT  B "C4'"  1 
ATOM   414 O "O4'"  . DT  B 2 4  ? -1.161  -7.575  -1.711  1.00 0.14 ? 14 DT  B "O4'"  1 
ATOM   415 C "C3'"  . DT  B 2 4  ? 0.939   -7.570  -0.494  1.00 0.19 ? 14 DT  B "C3'"  1 
ATOM   416 O "O3'"  . DT  B 2 4  ? 2.167   -8.216  -0.868  1.00 0.29 ? 14 DT  B "O3'"  1 
ATOM   417 C "C2'"  . DT  B 2 4  ? 0.669   -6.211  -1.137  1.00 0.14 ? 14 DT  B "C2'"  1 
ATOM   418 C "C1'"  . DT  B 2 4  ? -0.384  -6.530  -2.231  1.00 0.12 ? 14 DT  B "C1'"  1 
ATOM   419 N N1     . DT  B 2 4  ? -1.078  -5.300  -2.380  1.00 0.11 ? 14 DT  B N1     1 
ATOM   420 C C2     . DT  B 2 4  ? -1.043  -4.530  -3.528  1.00 0.10 ? 14 DT  B C2     1 
ATOM   421 O O2     . DT  B 2 4  ? -0.501  -4.897  -4.577  1.00 0.11 ? 14 DT  B O2     1 
ATOM   422 N N3     . DT  B 2 4  ? -1.708  -3.313  -3.373  1.00 0.10 ? 14 DT  B N3     1 
ATOM   423 C C4     . DT  B 2 4  ? -2.346  -2.812  -2.215  1.00 0.12 ? 14 DT  B C4     1 
ATOM   424 O O4     . DT  B 2 4  ? -2.891  -1.707  -2.252  1.00 0.13 ? 14 DT  B O4     1 
ATOM   425 C C5     . DT  B 2 4  ? -2.249  -3.752  -1.078  1.00 0.12 ? 14 DT  B C5     1 
ATOM   426 C C7     . DT  B 2 4  ? -2.698  -3.706  0.318   1.00 0.16 ? 14 DT  B C7     1 
ATOM   427 C C6     . DT  B 2 4  ? -1.639  -4.884  -1.265  1.00 0.12 ? 14 DT  B C6     1 
ATOM   428 H "H5'"  . DT  B 2 4  ? -1.804  -9.763  -0.311  1.00 0.17 ? 14 DT  B "H5'"  1 
ATOM   429 H "H5''" . DT  B 2 4  ? -0.249  -9.859  0.604   1.00 0.18 ? 14 DT  B "H5''" 1 
ATOM   430 H "H4'"  . DT  B 2 4  ? 0.056   -9.028  -1.760  1.00 0.19 ? 14 DT  B "H4'"  1 
ATOM   431 H "H3'"  . DT  B 2 4  ? 0.863   -7.497  0.610   1.00 0.23 ? 14 DT  B "H3'"  1 
ATOM   432 H "H2'"  . DT  B 2 4  ? 0.512   -5.925  -0.056  1.00 0.16 ? 14 DT  B "H2'"  1 
ATOM   433 H "H2''" . DT  B 2 4  ? 0.958   -5.118  -1.243  1.00 0.15 ? 14 DT  B "H2''" 1 
ATOM   434 H "H1'"  . DT  B 2 4  ? 0.248   -6.742  -3.093  1.00 0.12 ? 14 DT  B "H1'"  1 
ATOM   435 H H3     . DT  B 2 4  ? -1.725  -2.725  -4.209  1.00 0.11 ? 14 DT  B H3     1 
ATOM   436 H H71    . DT  B 2 4  ? -3.716  -4.050  0.428   1.00 1.02 ? 14 DT  B H71    1 
ATOM   437 H H72    . DT  B 2 4  ? -2.051  -4.449  0.909   1.00 1.02 ? 14 DT  B H72    1 
ATOM   438 H H73    . DT  B 2 4  ? -2.445  -2.748  0.781   1.00 0.99 ? 14 DT  B H73    1 
ATOM   439 H H6     . DT  B 2 4  ? -1.588  -5.615  -0.487  1.00 0.13 ? 14 DT  B H6     1 
ATOM   440 P P      . DG  B 2 5  ? 3.653   -7.652  -0.975  1.00 0.44 ? 15 DG  B P      1 
ATOM   441 O OP1    . DG  B 2 5  ? 4.618   -8.743  -0.714  1.00 0.69 ? 15 DG  B OP1    1 
ATOM   442 O OP2    . DG  B 2 5  ? 3.764   -6.408  -0.176  1.00 0.82 ? 15 DG  B OP2    1 
ATOM   443 O "O5'"  . DG  B 2 5  ? 3.716   -7.268  -2.537  1.00 0.39 ? 15 DG  B "O5'"  1 
ATOM   444 C "C5'"  . DG  B 2 5  ? 4.558   -7.607  -3.663  1.00 0.23 ? 15 DG  B "C5'"  1 
ATOM   445 C "C4'"  . DG  B 2 5  ? 5.394   -6.417  -4.189  1.00 0.22 ? 15 DG  B "C4'"  1 
ATOM   446 O "O4'"  . DG  B 2 5  ? 4.564   -5.277  -4.497  1.00 0.19 ? 15 DG  B "O4'"  1 
ATOM   447 C "C3'"  . DG  B 2 5  ? 6.361   -5.922  -3.162  1.00 0.22 ? 15 DG  B "C3'"  1 
ATOM   448 O "O3'"  . DG  B 2 5  ? 7.644   -5.542  -3.719  1.00 0.27 ? 15 DG  B "O3'"  1 
ATOM   449 C "C2'"  . DG  B 2 5  ? 5.680   -4.805  -2.473  1.00 0.16 ? 15 DG  B "C2'"  1 
ATOM   450 C "C1'"  . DG  B 2 5  ? 5.012   -4.187  -3.703  1.00 0.15 ? 15 DG  B "C1'"  1 
ATOM   451 N N9     . DG  B 2 5  ? 3.804   -3.431  -3.377  1.00 0.11 ? 15 DG  B N9     1 
ATOM   452 C C8     . DG  B 2 5  ? 2.812   -4.000  -2.693  1.00 0.11 ? 15 DG  B C8     1 
ATOM   453 N N7     . DG  B 2 5  ? 1.776   -3.207  -2.469  1.00 0.11 ? 15 DG  B N7     1 
ATOM   454 C C5     . DG  B 2 5  ? 2.126   -2.010  -3.068  1.00 0.10 ? 15 DG  B C5     1 
ATOM   455 C C6     . DG  B 2 5  ? 1.402   -0.792  -3.148  1.00 0.11 ? 15 DG  B C6     1 
ATOM   456 O O6     . DG  B 2 5  ? 0.276   -0.568  -2.680  1.00 0.13 ? 15 DG  B O6     1 
ATOM   457 N N1     . DG  B 2 5  ? 2.131   0.190   -3.854  1.00 0.10 ? 15 DG  B N1     1 
ATOM   458 C C2     . DG  B 2 5  ? 3.392   0.030   -4.411  1.00 0.11 ? 15 DG  B C2     1 
ATOM   459 N N2     . DG  B 2 5  ? 3.840   1.136   -5.026  1.00 0.12 ? 15 DG  B N2     1 
ATOM   460 N N3     . DG  B 2 5  ? 4.061   -1.134  -4.323  1.00 0.12 ? 15 DG  B N3     1 
ATOM   461 C C4     . DG  B 2 5  ? 3.394   -2.109  -3.650  1.00 0.10 ? 15 DG  B C4     1 
ATOM   462 H "H5'"  . DG  B 2 5  ? 3.909   -7.972  -4.488  1.00 0.23 ? 15 DG  B "H5'"  1 
ATOM   463 H "H5''" . DG  B 2 5  ? 5.250   -8.429  -3.376  1.00 0.22 ? 15 DG  B "H5''" 1 
ATOM   464 H "H4'"  . DG  B 2 5  ? 5.968   -6.667  -5.089  1.00 0.25 ? 15 DG  B "H4'"  1 
ATOM   465 H "H3'"  . DG  B 2 5  ? 6.412   -6.680  -2.414  1.00 0.22 ? 15 DG  B "H3'"  1 
ATOM   466 H "H2'"  . DG  B 2 5  ? 5.160   -5.093  -1.527  1.00 0.14 ? 15 DG  B "H2'"  1 
ATOM   467 H "H2''" . DG  B 2 5  ? 6.391   -4.187  -2.003  1.00 0.20 ? 15 DG  B "H2''" 1 
ATOM   468 H "H1'"  . DG  B 2 5  ? 5.799   -3.706  -4.302  1.00 0.16 ? 15 DG  B "H1'"  1 
ATOM   469 H H8     . DG  B 2 5  ? 3.060   -5.055  -2.438  1.00 0.12 ? 15 DG  B H8     1 
ATOM   470 H H1     . DG  B 2 5  ? 1.680   1.085   -3.950  1.00 0.11 ? 15 DG  B H1     1 
ATOM   471 H H21    . DG  B 2 5  ? 3.263   1.967   -5.035  1.00 0.11 ? 15 DG  B H21    1 
ATOM   472 H H22    . DG  B 2 5  ? 4.746   1.078   -5.439  1.00 0.15 ? 15 DG  B H22    1 
ATOM   473 P P      . DA  B 2 6  ? 8.976   -4.984  -3.009  1.00 0.26 ? 16 DA  B P      1 
ATOM   474 O OP1    . DA  B 2 6  ? 10.149  -5.568  -3.694  1.00 0.36 ? 16 DA  B OP1    1 
ATOM   475 O OP2    . DA  B 2 6  ? 8.855   -5.196  -1.550  1.00 0.46 ? 16 DA  B OP2    1 
ATOM   476 O "O5'"  . DA  B 2 6  ? 8.926   -3.401  -3.320  1.00 0.21 ? 16 DA  B "O5'"  1 
ATOM   477 C "C5'"  . DA  B 2 6  ? 9.361   -2.713  -4.518  1.00 0.16 ? 16 DA  B "C5'"  1 
ATOM   478 C "C4'"  . DA  B 2 6  ? 9.375   -1.177  -4.399  1.00 0.15 ? 16 DA  B "C4'"  1 
ATOM   479 O "O4'"  . DA  B 2 6  ? 8.041   -0.663  -4.083  1.00 0.16 ? 16 DA  B "O4'"  1 
ATOM   480 C "C3'"  . DA  B 2 6  ? 10.322  -0.597  -3.344  1.00 0.13 ? 16 DA  B "C3'"  1 
ATOM   481 O "O3'"  . DA  B 2 6  ? 10.892  0.643   -3.796  1.00 0.14 ? 16 DA  B "O3'"  1 
ATOM   482 C "C2'"  . DA  B 2 6  ? 9.402   -0.478  -2.206  1.00 0.13 ? 16 DA  B "C2'"  1 
ATOM   483 C "C1'"  . DA  B 2 6  ? 8.090   0.010   -2.835  1.00 0.15 ? 16 DA  B "C1'"  1 
ATOM   484 N N9     . DA  B 2 6  ? 6.844   -0.345  -2.122  1.00 0.15 ? 16 DA  B N9     1 
ATOM   485 C C8     . DA  B 2 6  ? 6.644   -1.572  -1.696  1.00 0.16 ? 16 DA  B C8     1 
ATOM   486 N N7     . DA  B 2 6  ? 5.532   -1.827  -1.069  1.00 0.17 ? 16 DA  B N7     1 
ATOM   487 C C5     . DA  B 2 6  ? 4.907   -0.613  -1.097  1.00 0.18 ? 16 DA  B C5     1 
ATOM   488 C C6     . DA  B 2 6  ? 3.661   -0.236  -0.585  1.00 0.20 ? 16 DA  B C6     1 
ATOM   489 N N6     . DA  B 2 6  ? 2.862   -1.122  0.054   1.00 0.21 ? 16 DA  B N6     1 
ATOM   490 N N1     . DA  B 2 6  ? 3.326   1.053   -0.768  1.00 0.22 ? 16 DA  B N1     1 
ATOM   491 C C2     . DA  B 2 6  ? 4.156   1.891   -1.405  1.00 0.22 ? 16 DA  B C2     1 
ATOM   492 N N3     . DA  B 2 6  ? 5.356   1.648   -1.931  1.00 0.19 ? 16 DA  B N3     1 
ATOM   493 C C4     . DA  B 2 6  ? 5.684   0.349   -1.741  1.00 0.17 ? 16 DA  B C4     1 
ATOM   494 H "H5'"  . DA  B 2 6  ? 8.682   -2.984  -5.355  1.00 0.21 ? 16 DA  B "H5'"  1 
ATOM   495 H "H5''" . DA  B 2 6  ? 10.387  -3.049  -4.786  1.00 0.14 ? 16 DA  B "H5''" 1 
ATOM   496 H "H4'"  . DA  B 2 6  ? 9.618   -0.707  -5.369  1.00 0.16 ? 16 DA  B "H4'"  1 
ATOM   497 H "H3'"  . DA  B 2 6  ? 11.050  -1.145  -2.721  1.00 0.14 ? 16 DA  B "H3'"  1 
ATOM   498 H "H2'"  . DA  B 2 6  ? 9.432   -1.422  -1.630  1.00 0.14 ? 16 DA  B "H2'"  1 
ATOM   499 H "H2''" . DA  B 2 6  ? 9.859   0.124   -1.471  1.00 0.12 ? 16 DA  B "H2''" 1 
ATOM   500 H "H1'"  . DA  B 2 6  ? 8.199   1.071   -3.009  1.00 0.15 ? 16 DA  B "H1'"  1 
ATOM   501 H H8     . DA  B 2 6  ? 7.485   -2.149  -1.960  1.00 0.16 ? 16 DA  B H8     1 
ATOM   502 H H61    . DA  B 2 6  ? 1.966   -0.845  0.406   1.00 0.22 ? 16 DA  B H61    1 
ATOM   503 H H62    . DA  B 2 6  ? 3.196   -2.062  0.133   1.00 0.21 ? 16 DA  B H62    1 
ATOM   504 H H2     . DA  B 2 6  ? 3.805   2.922   -1.509  1.00 0.24 ? 16 DA  B H2     1 
ATOM   505 P P      . DT  B 2 7  ? 11.915  1.555   -2.981  1.00 0.14 ? 17 DT  B P      1 
ATOM   506 O OP1    . DT  B 2 7  ? 12.662  2.413   -3.923  1.00 0.16 ? 17 DT  B OP1    1 
ATOM   507 O OP2    . DT  B 2 7  ? 12.685  0.710   -2.044  1.00 0.16 ? 17 DT  B OP2    1 
ATOM   508 O "O5'"  . DT  B 2 7  ? 10.882  2.447   -2.165  1.00 0.14 ? 17 DT  B "O5'"  1 
ATOM   509 C "C5'"  . DT  B 2 7  ? 10.218  3.617   -2.678  1.00 0.14 ? 17 DT  B "C5'"  1 
ATOM   510 C "C4'"  . DT  B 2 7  ? 9.431   4.344   -1.589  1.00 0.13 ? 17 DT  B "C4'"  1 
ATOM   511 O "O4'"  . DT  B 2 7  ? 8.207   3.653   -1.280  1.00 0.13 ? 17 DT  B "O4'"  1 
ATOM   512 C "C3'"  . DT  B 2 7  ? 10.181  4.569   -0.285  1.00 0.11 ? 17 DT  B "C3'"  1 
ATOM   513 O "O3'"  . DT  B 2 7  ? 10.355  5.971   0.003   1.00 0.12 ? 17 DT  B "O3'"  1 
ATOM   514 C "C2'"  . DT  B 2 7  ? 9.372   3.832   0.795   1.00 0.10 ? 17 DT  B "C2'"  1 
ATOM   515 C "C1'"  . DT  B 2 7  ? 7.951   3.963   0.064   1.00 0.10 ? 17 DT  B "C1'"  1 
ATOM   516 N N1     . DT  B 2 7  ? 7.040   3.076   0.742   1.00 0.10 ? 17 DT  B N1     1 
ATOM   517 C C2     . DT  B 2 7  ? 5.848   3.355   1.431   1.00 0.10 ? 17 DT  B C2     1 
ATOM   518 O O2     . DT  B 2 7  ? 5.309   4.463   1.477   1.00 0.09 ? 17 DT  B O2     1 
ATOM   519 N N3     . DT  B 2 7  ? 5.295   2.217   2.069   1.00 0.10 ? 17 DT  B N3     1 
ATOM   520 C C4     . DT  B 2 7  ? 5.840   0.891   2.075   1.00 0.12 ? 17 DT  B C4     1 
ATOM   521 O O4     . DT  B 2 7  ? 5.253   -0.022  2.668   1.00 0.12 ? 17 DT  B O4     1 
ATOM   522 C C5     . DT  B 2 7  ? 7.111   0.818   1.314   1.00 0.12 ? 17 DT  B C5     1 
ATOM   523 C C7     . DT  B 2 7  ? 8.127   -0.201  1.006   1.00 0.13 ? 17 DT  B C7     1 
ATOM   524 C C6     . DT  B 2 7  ? 7.555   1.889   0.745   1.00 0.11 ? 17 DT  B C6     1 
ATOM   525 H "H5'"  . DT  B 2 7  ? 9.534   3.338   -3.510  1.00 0.16 ? 17 DT  B "H5'"  1 
ATOM   526 H "H5''" . DT  B 2 7  ? 10.980  4.324   -3.075  1.00 0.15 ? 17 DT  B "H5''" 1 
ATOM   527 H "H4'"  . DT  B 2 7  ? 9.156   5.317   -1.922  1.00 0.13 ? 17 DT  B "H4'"  1 
ATOM   528 H "H3'"  . DT  B 2 7  ? 11.083  4.073   -0.645  1.00 0.12 ? 17 DT  B "H3'"  1 
ATOM   529 H "H2'"  . DT  B 2 7  ? 9.991   2.945   1.193   1.00 0.10 ? 17 DT  B "H2'"  1 
ATOM   530 H "H2''" . DT  B 2 7  ? 9.110   4.003   1.847   1.00 0.09 ? 17 DT  B "H2''" 1 
ATOM   531 H "H1'"  . DT  B 2 7  ? 7.673   5.003   0.127   1.00 0.10 ? 17 DT  B "H1'"  1 
ATOM   532 H H3     . DT  B 2 7  ? 4.404   2.409   2.565   1.00 0.10 ? 17 DT  B H3     1 
ATOM   533 H H71    . DT  B 2 7  ? 8.275   -0.299  -0.074  1.00 1.03 ? 17 DT  B H71    1 
ATOM   534 H H72    . DT  B 2 7  ? 9.116   0.361   1.201   1.00 1.00 ? 17 DT  B H72    1 
ATOM   535 H H73    . DT  B 2 7  ? 8.290   -1.067  1.637   1.00 1.00 ? 17 DT  B H73    1 
ATOM   536 H H6     . DT  B 2 7  ? 8.440   1.833   0.148   1.00 0.11 ? 17 DT  B H6     1 
ATOM   537 P P      . DG  B 2 8  ? 11.387  6.850   0.859   1.00 0.12 ? 18 DG  B P      1 
ATOM   538 O OP1    . DG  B 2 8  ? 12.643  7.062   0.106   1.00 0.16 ? 18 DG  B OP1    1 
ATOM   539 O OP2    . DG  B 2 8  ? 11.456  6.276   2.223   1.00 0.10 ? 18 DG  B OP2    1 
ATOM   540 O "O5'"  . DG  B 2 8  ? 10.571  8.228   0.958   1.00 0.11 ? 18 DG  B "O5'"  1 
ATOM   541 C "C5'"  . DG  B 2 8  ? 9.775   8.908   -0.040  1.00 0.13 ? 18 DG  B "C5'"  1 
ATOM   542 C "C4'"  . DG  B 2 8  ? 8.405   9.368   0.491   1.00 0.13 ? 18 DG  B "C4'"  1 
ATOM   543 O "O4'"  . DG  B 2 8  ? 7.581   8.251   0.952   1.00 0.12 ? 18 DG  B "O4'"  1 
ATOM   544 C "C3'"  . DG  B 2 8  ? 8.531   10.272  1.693   1.00 0.11 ? 18 DG  B "C3'"  1 
ATOM   545 O "O3'"  . DG  B 2 8  ? 7.492   11.273  1.661   1.00 0.14 ? 18 DG  B "O3'"  1 
ATOM   546 C "C2'"  . DG  B 2 8  ? 8.361   9.349   2.848   1.00 0.09 ? 18 DG  B "C2'"  1 
ATOM   547 C "C1'"  . DG  B 2 8  ? 7.255   8.460   2.331   1.00 0.10 ? 18 DG  B "C1'"  1 
ATOM   548 N N9     . DG  B 2 8  ? 7.172   7.125   2.947   1.00 0.08 ? 18 DG  B N9     1 
ATOM   549 C C8     . DG  B 2 8  ? 8.164   6.222   2.969   1.00 0.07 ? 18 DG  B C8     1 
ATOM   550 N N7     . DG  B 2 8  ? 7.871   5.094   3.585   1.00 0.07 ? 18 DG  B N7     1 
ATOM   551 C C5     . DG  B 2 8  ? 6.569   5.262   3.995   1.00 0.07 ? 18 DG  B C5     1 
ATOM   552 C C6     . DG  B 2 8  ? 5.725   4.381   4.703   1.00 0.07 ? 18 DG  B C6     1 
ATOM   553 O O6     . DG  B 2 8  ? 6.010   3.240   5.092   1.00 0.08 ? 18 DG  B O6     1 
ATOM   554 N N1     . DG  B 2 8  ? 4.459   4.950   4.936   1.00 0.08 ? 18 DG  B N1     1 
ATOM   555 C C2     . DG  B 2 8  ? 4.047   6.214   4.531   1.00 0.10 ? 18 DG  B C2     1 
ATOM   556 N N2     . DG  B 2 8  ? 2.791   6.541   4.862   1.00 0.12 ? 18 DG  B N2     1 
ATOM   557 N N3     . DG  B 2 8  ? 4.869   7.029   3.857   1.00 0.10 ? 18 DG  B N3     1 
ATOM   558 C C4     . DG  B 2 8  ? 6.097   6.518   3.615   1.00 0.08 ? 18 DG  B C4     1 
ATOM   559 H "H5'"  . DG  B 2 8  ? 9.611   8.251   -0.926  1.00 0.15 ? 18 DG  B "H5'"  1 
ATOM   560 H "H5''" . DG  B 2 8  ? 10.333  9.804   -0.391  1.00 0.14 ? 18 DG  B "H5''" 1 
ATOM   561 H "H4'"  . DG  B 2 8  ? 7.829   9.874   -0.308  1.00 0.16 ? 18 DG  B "H4'"  1 
ATOM   562 H "H3'"  . DG  B 2 8  ? 9.498   10.719  1.935   1.00 0.11 ? 18 DG  B "H3'"  1 
ATOM   563 H "H2'"  . DG  B 2 8  ? 9.197   8.736   3.178   1.00 0.08 ? 18 DG  B "H2'"  1 
ATOM   564 H "H2''" . DG  B 2 8  ? 8.275   10.097  3.616   1.00 0.10 ? 18 DG  B "H2''" 1 
ATOM   565 H "H1'"  . DG  B 2 8  ? 6.351   9.049   2.470   1.00 0.11 ? 18 DG  B "H1'"  1 
ATOM   566 H H8     . DG  B 2 8  ? 9.080   6.548   2.478   1.00 0.08 ? 18 DG  B H8     1 
ATOM   567 H H1     . DG  B 2 8  ? 3.820   4.351   5.444   1.00 0.09 ? 18 DG  B H1     1 
ATOM   568 H H21    . DG  B 2 8  ? 2.174   5.923   5.368   1.00 0.12 ? 18 DG  B H21    1 
ATOM   569 H H22    . DG  B 2 8  ? 2.562   7.461   4.562   1.00 0.14 ? 18 DG  B H22    1 
ATOM   570 P P      . DC  B 2 9  ? 7.326   12.579  2.573   1.00 0.16 ? 19 DC  B P      1 
ATOM   571 O OP1    . DC  B 2 9  ? 6.567   13.585  1.797   1.00 0.19 ? 19 DC  B OP1    1 
ATOM   572 O OP2    . DC  B 2 9  ? 8.657   12.978  3.083   1.00 0.15 ? 19 DC  B OP2    1 
ATOM   573 O "O5'"  . DC  B 2 9  ? 6.407   12.040  3.783   1.00 0.17 ? 19 DC  B "O5'"  1 
ATOM   574 C "C5'"  . DC  B 2 9  ? 4.961   12.079  3.769   1.00 0.21 ? 19 DC  B "C5'"  1 
ATOM   575 C "C4'"  . DC  B 2 9  ? 4.326   11.558  5.059   1.00 0.21 ? 19 DC  B "C4'"  1 
ATOM   576 O "O4'"  . DC  B 2 9  ? 4.373   10.115  5.121   1.00 0.17 ? 19 DC  B "O4'"  1 
ATOM   577 C "C3'"  . DC  B 2 9  ? 4.958   12.091  6.347   1.00 0.22 ? 19 DC  B "C3'"  1 
ATOM   578 O "O3'"  . DC  B 2 9  ? 4.028   12.846  7.160   1.00 0.27 ? 19 DC  B "O3'"  1 
ATOM   579 C "C2'"  . DC  B 2 9  ? 5.443   10.866  7.041   1.00 0.18 ? 19 DC  B "C2'"  1 
ATOM   580 C "C1'"  . DC  B 2 9  ? 4.596   9.762   6.470   1.00 0.15 ? 19 DC  B "C1'"  1 
ATOM   581 N N1     . DC  B 2 9  ? 5.420   8.573   6.582   1.00 0.11 ? 19 DC  B N1     1 
ATOM   582 C C2     . DC  B 2 9  ? 5.094   7.460   7.395   1.00 0.10 ? 19 DC  B C2     1 
ATOM   583 O O2     . DC  B 2 9  ? 4.035   7.408   8.042   1.00 0.12 ? 19 DC  B O2     1 
ATOM   584 N N3     . DC  B 2 9  ? 5.985   6.412   7.447   1.00 0.07 ? 19 DC  B N3     1 
ATOM   585 C C4     . DC  B 2 9  ? 7.144   6.469   6.758   1.00 0.06 ? 19 DC  B C4     1 
ATOM   586 N N4     . DC  B 2 9  ? 7.975   5.415   6.847   1.00 0.07 ? 19 DC  B N4     1 
ATOM   587 C C5     . DC  B 2 9  ? 7.461   7.629   5.957   1.00 0.06 ? 19 DC  B C5     1 
ATOM   588 C C6     . DC  B 2 9  ? 6.585   8.611   5.912   1.00 0.09 ? 19 DC  B C6     1 
ATOM   589 H "H5'"  . DC  B 2 9  ? 4.572   11.479  2.915   1.00 0.22 ? 19 DC  B "H5'"  1 
ATOM   590 H "H5''" . DC  B 2 9  ? 4.629   13.132  3.628   1.00 0.26 ? 19 DC  B "H5''" 1 
ATOM   591 H "H4'"  . DC  B 2 9  ? 3.258   11.735  5.069   1.00 0.24 ? 19 DC  B "H4'"  1 
ATOM   592 H "H3'"  . DC  B 2 9  ? 5.892   12.634  6.137   1.00 0.22 ? 19 DC  B "H3'"  1 
ATOM   593 H "H2'"  . DC  B 2 9  ? 6.542   10.798  6.943   1.00 0.16 ? 19 DC  B "H2'"  1 
ATOM   594 H "H2''" . DC  B 2 9  ? 5.346   10.775  8.091   1.00 0.19 ? 19 DC  B "H2''" 1 
ATOM   595 H "H1'"  . DC  B 2 9  ? 3.662   9.770   7.042   1.00 0.17 ? 19 DC  B "H1'"  1 
ATOM   596 H H41    . DC  B 2 9  ? 7.664   4.675   7.444   1.00 0.08 ? 19 DC  B H41    1 
ATOM   597 H H42    . DC  B 2 9  ? 8.842   5.389   6.357   1.00 0.08 ? 19 DC  B H42    1 
ATOM   598 H H5     . DC  B 2 9  ? 8.305   7.857   5.335   1.00 0.06 ? 19 DC  B H5     1 
ATOM   599 H H6     . DC  B 2 9  ? 6.678   9.528   5.334   1.00 0.11 ? 19 DC  B H6     1 
ATOM   600 P P      . DG  B 2 10 ? 4.151   13.483  8.638   1.00 0.31 ? 20 DG  B P      1 
ATOM   601 O OP1    . DG  B 2 10 ? 3.059   14.462  8.851   1.00 0.37 ? 20 DG  B OP1    1 
ATOM   602 O OP2    . DG  B 2 10 ? 5.537   13.940  8.869   1.00 0.31 ? 20 DG  B OP2    1 
ATOM   603 O "O5'"  . DG  B 2 10 ? 3.866   12.216  9.598   1.00 0.29 ? 20 DG  B "O5'"  1 
ATOM   604 C "C5'"  . DG  B 2 10 ? 2.616   11.506  9.724   1.00 0.29 ? 20 DG  B "C5'"  1 
ATOM   605 C "C4'"  . DG  B 2 10 ? 2.652   10.475  10.855  1.00 0.28 ? 20 DG  B "C4'"  1 
ATOM   606 O "O4'"  . DG  B 2 10 ? 3.004   9.141   10.410  1.00 0.23 ? 20 DG  B "O4'"  1 
ATOM   607 C "C3'"  . DG  B 2 10 ? 3.617   10.741  11.932  1.00 0.30 ? 20 DG  B "C3'"  1 
ATOM   608 O "O3'"  . DG  B 2 10 ? 3.327   11.932  12.648  1.00 0.36 ? 20 DG  B "O3'"  1 
ATOM   609 C "C2'"  . DG  B 2 10 ? 3.548   9.457   12.693  1.00 0.28 ? 20 DG  B "C2'"  1 
ATOM   610 C "C1'"  . DG  B 2 10 ? 3.514   8.443   11.551  1.00 0.23 ? 20 DG  B "C1'"  1 
ATOM   611 N N9     . DG  B 2 10 ? 4.767   7.748   11.209  1.00 0.20 ? 20 DG  B N9     1 
ATOM   612 C C8     . DG  B 2 10 ? 5.726   8.245   10.444  1.00 0.20 ? 20 DG  B C8     1 
ATOM   613 N N7     . DG  B 2 10 ? 6.769   7.470   10.247  1.00 0.18 ? 20 DG  B N7     1 
ATOM   614 C C5     . DG  B 2 10 ? 6.455   6.331   10.958  1.00 0.18 ? 20 DG  B C5     1 
ATOM   615 C C6     . DG  B 2 10 ? 7.192   5.141   11.123  1.00 0.19 ? 20 DG  B C6     1 
ATOM   616 O O6     . DG  B 2 10 ? 8.299   4.883   10.640  1.00 0.21 ? 20 DG  B O6     1 
ATOM   617 N N1     . DG  B 2 10 ? 6.514   4.220   11.936  1.00 0.20 ? 20 DG  B N1     1 
ATOM   618 C C2     . DG  B 2 10 ? 5.275   4.403   12.521  1.00 0.19 ? 20 DG  B C2     1 
ATOM   619 N N2     . DG  B 2 10 ? 4.884   3.338   13.242  1.00 0.20 ? 20 DG  B N2     1 
ATOM   620 N N3     . DG  B 2 10 ? 4.580   5.549   12.354  1.00 0.19 ? 20 DG  B N3     1 
ATOM   621 C C4     . DG  B 2 10 ? 5.208   6.467   11.573  1.00 0.19 ? 20 DG  B C4     1 
ATOM   622 H "H5'"  . DG  B 2 10 ? 2.352   11.008  8.763   1.00 0.27 ? 20 DG  B "H5'"  1 
ATOM   623 H "H5''" . DG  B 2 10 ? 1.810   12.241  9.952   1.00 0.33 ? 20 DG  B "H5''" 1 
ATOM   624 H "H4'"  . DG  B 2 10 ? 1.721   10.417  11.398  1.00 0.30 ? 20 DG  B "H4'"  1 
ATOM   625 H "H3'"  . DG  B 2 10 ? 4.576   10.748  11.486  1.00 0.29 ? 20 DG  B "H3'"  1 
ATOM   626 H "HO3'" . DG  B 2 10 ? 3.377   12.582  11.935  1.00 0.36 ? 20 DG  B "HO3'" 1 
ATOM   627 H "H2'"  . DG  B 2 10 ? 4.400   9.183   13.306  1.00 0.29 ? 20 DG  B "H2'"  1 
ATOM   628 H "H2''" . DG  B 2 10 ? 2.644   9.528   13.314  1.00 0.30 ? 20 DG  B "H2''" 1 
ATOM   629 H "H1'"  . DG  B 2 10 ? 2.852   7.670   11.835  1.00 0.21 ? 20 DG  B "H1'"  1 
ATOM   630 H H8     . DG  B 2 10 ? 5.461   9.231   10.108  1.00 0.21 ? 20 DG  B H8     1 
ATOM   631 H H1     . DG  B 2 10 ? 7.000   3.342   12.081  1.00 0.22 ? 20 DG  B H1     1 
ATOM   632 H H21    . DG  B 2 10 ? 5.457   2.511   13.323  1.00 0.21 ? 20 DG  B H21    1 
ATOM   633 H H22    . DG  B 2 10 ? 3.997   3.406   13.690  1.00 0.20 ? 20 DG  B H22    1 
# 
